data_7UXT
#
_entry.id   7UXT
#
_cell.length_a   98.808
_cell.length_b   274.359
_cell.length_c   89.540
_cell.angle_alpha   90.000
_cell.angle_beta   90.000
_cell.angle_gamma   90.000
#
_symmetry.space_group_name_H-M   'C 2 2 21'
#
loop_
_entity.id
_entity.type
_entity.pdbx_description
1 polymer 'USG protein'
2 non-polymer 'TRIETHYLENE GLYCOL'
3 non-polymer GLYCEROL
#
_entity_poly.entity_id   1
_entity_poly.type   'polypeptide(L)'
_entity_poly.pdbx_seq_one_letter_code
;MHHHHHHSSGVDLGTENLYFQSNAMFIIKGEVSRKDLIREIEKAIKSDELGAFIGAGLSIPAGFCSWKELLREPAEEIGL
DVEKESDLVNLAQYYSNSKKRTSIDDLIKGQFSQLVKPTENHKLLSQLPISTFWTTNYDKLIEKALENNMKKPYVKTKDE
QLRGTNHNFDAIVYKLHGDVETPEDAVITRSDYEEFGYNKRKLFREVLEGDLLTKTFLFLGFSFEDPNFNYVIGRLRVLL
DEKNTRKHYCIMKRVQDADEDYEYKKARQELQIEDLNRYGIFTYLVNKYDEITEILSTLVDRFRRKTIFISGSAYSYSAY
SQKTGENFIHKLSFELSKNGYHIVNGYGKGVGEFVLNGVADYCLTHKSKINDFLTLMPFPQNSSLGIDLDKLYKENREQM
IESCGIAIFLFGNKEAEDIASGVMDEYELSKKHGLVCLPIEYTGGASKEIYDQTTQEISDKNTISAIEQANKQCDGDIDM
SVKNIVQAVKILNKEEF
;
_entity_poly.pdbx_strand_id   B,A
#
# COMPACT_ATOMS: atom_id res chain seq x y z
N ILE A 28 -11.13 -7.51 -25.91
CA ILE A 28 -10.62 -7.09 -24.61
C ILE A 28 -11.69 -7.22 -23.52
N LYS A 29 -11.33 -7.90 -22.43
CA LYS A 29 -12.25 -8.05 -21.31
C LYS A 29 -12.35 -6.75 -20.52
N GLY A 30 -13.57 -6.39 -20.15
CA GLY A 30 -13.81 -5.17 -19.41
C GLY A 30 -14.15 -3.95 -20.25
N GLU A 31 -14.02 -4.04 -21.56
CA GLU A 31 -14.49 -2.98 -22.43
C GLU A 31 -15.98 -3.16 -22.69
N VAL A 32 -16.70 -2.05 -22.85
CA VAL A 32 -18.14 -2.07 -23.06
C VAL A 32 -18.52 -1.03 -24.10
N SER A 33 -19.72 -1.20 -24.65
CA SER A 33 -20.24 -0.26 -25.63
C SER A 33 -20.86 0.94 -24.93
N ARG A 34 -20.97 2.05 -25.67
CA ARG A 34 -21.57 3.25 -25.10
C ARG A 34 -23.02 3.01 -24.72
N LYS A 35 -23.76 2.30 -25.56
CA LYS A 35 -25.17 2.02 -25.26
C LYS A 35 -25.30 1.01 -24.13
N ASP A 36 -24.40 0.02 -24.08
CA ASP A 36 -24.37 -0.90 -22.95
C ASP A 36 -24.13 -0.13 -21.65
N LEU A 37 -23.14 0.77 -21.68
CA LEU A 37 -22.86 1.61 -20.52
C LEU A 37 -24.10 2.37 -20.08
N ILE A 38 -24.78 3.04 -21.02
CA ILE A 38 -25.95 3.82 -20.66
C ILE A 38 -27.05 2.93 -20.09
N ARG A 39 -27.24 1.75 -20.69
CA ARG A 39 -28.29 0.84 -20.22
C ARG A 39 -28.04 0.38 -18.78
N GLU A 40 -26.83 -0.13 -18.49
CA GLU A 40 -26.56 -0.62 -17.15
C GLU A 40 -26.60 0.51 -16.12
N ILE A 41 -26.06 1.68 -16.49
CA ILE A 41 -26.11 2.82 -15.58
C ILE A 41 -27.56 3.21 -15.29
N GLU A 42 -28.41 3.16 -16.31
CA GLU A 42 -29.83 3.50 -16.11
C GLU A 42 -30.54 2.44 -15.28
N LYS A 43 -30.06 1.19 -15.31
CA LYS A 43 -30.57 0.20 -14.36
C LYS A 43 -30.25 0.59 -12.92
N ALA A 44 -29.00 0.98 -12.68
CA ALA A 44 -28.65 1.45 -11.34
C ALA A 44 -29.48 2.67 -10.95
N ILE A 45 -29.78 3.54 -11.92
CA ILE A 45 -30.63 4.70 -11.65
C ILE A 45 -32.04 4.27 -11.29
N LYS A 46 -32.57 3.26 -11.99
CA LYS A 46 -33.92 2.77 -11.73
C LYS A 46 -34.09 2.27 -10.30
N SER A 47 -33.00 1.92 -9.62
CA SER A 47 -33.06 1.39 -8.26
C SER A 47 -32.34 2.27 -7.24
N ASP A 48 -32.03 3.52 -7.60
CA ASP A 48 -31.34 4.45 -6.70
C ASP A 48 -30.03 3.87 -6.17
N GLU A 49 -29.42 2.95 -6.92
CA GLU A 49 -28.17 2.33 -6.53
C GLU A 49 -26.97 2.98 -7.21
N LEU A 50 -27.12 4.23 -7.64
CA LEU A 50 -26.10 4.91 -8.42
C LEU A 50 -25.29 5.86 -7.55
N GLY A 51 -23.96 5.72 -7.61
CA GLY A 51 -23.06 6.67 -7.00
C GLY A 51 -21.97 7.06 -7.98
N ALA A 52 -21.23 8.10 -7.63
CA ALA A 52 -20.22 8.67 -8.50
C ALA A 52 -18.87 8.72 -7.81
N PHE A 53 -17.83 8.31 -8.53
CA PHE A 53 -16.45 8.34 -8.05
C PHE A 53 -15.67 9.21 -9.02
N ILE A 54 -15.03 10.26 -8.49
CA ILE A 54 -14.47 11.32 -9.32
C ILE A 54 -13.03 11.57 -8.91
N GLY A 55 -12.22 11.98 -9.90
CA GLY A 55 -10.80 12.21 -9.69
C GLY A 55 -10.29 13.47 -10.35
N ALA A 56 -8.99 13.49 -10.65
CA ALA A 56 -8.36 14.70 -11.19
C ALA A 56 -8.78 14.95 -12.64
N GLY A 57 -9.14 13.92 -13.39
CA GLY A 57 -9.46 14.09 -14.79
C GLY A 57 -10.62 15.03 -15.05
N LEU A 58 -11.44 15.30 -14.03
CA LEU A 58 -12.55 16.22 -14.16
C LEU A 58 -12.23 17.63 -13.66
N SER A 59 -11.20 17.79 -12.82
CA SER A 59 -10.85 19.10 -12.28
C SER A 59 -9.70 19.77 -13.03
N ILE A 60 -8.81 19.00 -13.66
CA ILE A 60 -7.73 19.61 -14.43
C ILE A 60 -8.28 20.42 -15.61
N PRO A 61 -9.23 19.91 -16.41
CA PRO A 61 -9.76 20.73 -17.51
C PRO A 61 -10.44 22.03 -17.08
N ALA A 62 -10.88 22.13 -15.82
CA ALA A 62 -11.53 23.35 -15.36
C ALA A 62 -10.55 24.51 -15.17
N GLY A 63 -9.26 24.21 -15.01
CA GLY A 63 -8.27 25.26 -14.87
C GLY A 63 -7.16 24.97 -13.89
N PHE A 64 -7.19 23.78 -13.29
CA PHE A 64 -6.19 23.42 -12.30
C PHE A 64 -4.95 22.83 -12.98
N CYS A 65 -3.84 22.89 -12.26
CA CYS A 65 -2.54 22.49 -12.80
C CYS A 65 -2.30 21.01 -12.57
N SER A 66 -1.84 20.31 -13.60
CA SER A 66 -1.40 18.94 -13.46
C SER A 66 -0.30 18.85 -12.41
N TRP A 67 -0.14 17.66 -11.83
CA TRP A 67 0.81 17.53 -10.73
C TRP A 67 2.25 17.65 -11.21
N LYS A 68 2.55 17.20 -12.43
CA LYS A 68 3.90 17.33 -12.96
C LYS A 68 4.38 18.77 -12.87
N GLU A 69 3.58 19.70 -13.40
CA GLU A 69 3.95 21.11 -13.35
C GLU A 69 3.87 21.66 -11.92
N LEU A 70 2.85 21.25 -11.16
CA LEU A 70 2.70 21.75 -9.80
C LEU A 70 3.93 21.43 -8.95
N LEU A 71 4.62 20.33 -9.24
CA LEU A 71 5.79 19.91 -8.49
C LEU A 71 7.10 20.31 -9.16
N ARG A 72 7.06 20.97 -10.31
CA ARG A 72 8.29 21.33 -11.01
C ARG A 72 9.17 22.25 -10.18
N GLU A 73 8.64 23.41 -9.79
CA GLU A 73 9.42 24.34 -8.98
C GLU A 73 9.85 23.72 -7.66
N PRO A 74 8.98 23.04 -6.90
CA PRO A 74 9.46 22.30 -5.71
C PRO A 74 10.57 21.29 -6.03
N ALA A 75 10.39 20.54 -7.11
CA ALA A 75 11.39 19.56 -7.52
C ALA A 75 12.75 20.22 -7.68
N GLU A 76 12.80 21.35 -8.37
CA GLU A 76 14.06 22.09 -8.47
C GLU A 76 14.47 22.62 -7.09
N GLU A 77 13.50 22.90 -6.22
CA GLU A 77 13.80 23.44 -4.89
C GLU A 77 14.51 22.43 -4.00
N ILE A 78 14.54 21.15 -4.39
CA ILE A 78 15.34 20.16 -3.68
C ILE A 78 16.40 19.50 -4.55
N GLY A 79 16.48 19.85 -5.83
CA GLY A 79 17.48 19.28 -6.71
C GLY A 79 17.05 18.06 -7.50
N LEU A 80 15.75 17.89 -7.75
CA LEU A 80 15.23 16.78 -8.53
C LEU A 80 14.36 17.34 -9.65
N ASP A 81 14.31 16.61 -10.77
CA ASP A 81 13.55 17.02 -11.94
C ASP A 81 12.27 16.20 -12.06
N VAL A 82 11.14 16.88 -12.19
CA VAL A 82 9.87 16.18 -12.37
C VAL A 82 9.89 15.40 -13.68
N GLU A 83 10.72 15.82 -14.64
CA GLU A 83 10.81 15.09 -15.91
C GLU A 83 11.50 13.74 -15.73
N LYS A 84 12.36 13.61 -14.72
CA LYS A 84 13.07 12.36 -14.50
C LYS A 84 12.44 11.48 -13.42
N GLU A 85 11.58 12.04 -12.57
CA GLU A 85 10.99 11.28 -11.47
C GLU A 85 9.63 10.79 -11.91
N SER A 86 9.47 9.47 -11.96
CA SER A 86 8.22 8.85 -12.36
C SER A 86 7.24 8.74 -11.21
N ASP A 87 7.73 8.68 -9.97
CA ASP A 87 6.89 8.49 -8.80
C ASP A 87 6.77 9.84 -8.11
N LEU A 88 5.70 10.56 -8.44
CA LEU A 88 5.47 11.89 -7.88
C LEU A 88 5.06 11.83 -6.41
N VAL A 89 4.52 10.70 -5.94
CA VAL A 89 4.16 10.58 -4.54
C VAL A 89 5.41 10.53 -3.66
N ASN A 90 6.36 9.68 -4.04
CA ASN A 90 7.65 9.66 -3.33
C ASN A 90 8.37 10.99 -3.46
N LEU A 91 8.20 11.67 -4.61
CA LEU A 91 8.81 12.98 -4.81
C LEU A 91 8.23 14.00 -3.82
N ALA A 92 6.90 14.03 -3.69
CA ALA A 92 6.27 14.90 -2.71
C ALA A 92 6.74 14.57 -1.31
N GLN A 93 6.99 13.29 -1.03
CA GLN A 93 7.52 12.92 0.28
C GLN A 93 8.91 13.52 0.50
N TYR A 94 9.82 13.35 -0.46
CA TYR A 94 11.16 13.91 -0.32
C TYR A 94 11.11 15.42 -0.11
N TYR A 95 10.26 16.11 -0.86
CA TYR A 95 10.14 17.56 -0.68
C TYR A 95 9.63 17.89 0.71
N SER A 96 8.57 17.20 1.16
CA SER A 96 8.05 17.44 2.50
C SER A 96 9.10 17.15 3.57
N ASN A 97 10.02 16.23 3.29
CA ASN A 97 11.06 15.90 4.26
C ASN A 97 12.06 17.04 4.40
N SER A 98 12.60 17.50 3.27
CA SER A 98 13.60 18.56 3.36
C SER A 98 12.96 19.89 3.78
N LYS A 99 11.89 20.29 3.08
CA LYS A 99 11.08 21.44 3.47
C LYS A 99 9.86 20.95 4.23
N LYS A 100 9.68 21.46 5.45
CA LYS A 100 8.71 20.87 6.38
C LYS A 100 7.30 20.88 5.81
N ARG A 101 6.46 20.02 6.38
CA ARG A 101 5.07 19.83 5.99
C ARG A 101 4.37 21.14 5.66
N THR A 102 4.63 22.19 6.44
CA THR A 102 3.94 23.45 6.25
C THR A 102 4.06 23.95 4.81
N SER A 103 5.24 23.77 4.20
CA SER A 103 5.46 24.30 2.86
C SER A 103 4.64 23.60 1.80
N ILE A 104 4.18 22.37 2.05
CA ILE A 104 3.18 21.78 1.16
C ILE A 104 1.76 22.14 1.59
N ASP A 105 1.53 22.31 2.90
CA ASP A 105 0.25 22.88 3.32
C ASP A 105 0.03 24.18 2.57
N ASP A 106 1.08 25.01 2.46
CA ASP A 106 1.03 26.23 1.68
C ASP A 106 0.92 25.97 0.18
N LEU A 107 1.47 24.86 -0.32
CA LEU A 107 1.43 24.60 -1.75
C LEU A 107 0.00 24.30 -2.22
N ILE A 108 -0.70 23.41 -1.52
CA ILE A 108 -2.07 23.09 -1.92
C ILE A 108 -2.97 24.28 -1.65
N LYS A 109 -2.74 24.97 -0.52
CA LYS A 109 -3.43 26.23 -0.26
C LYS A 109 -3.33 27.17 -1.45
N GLY A 110 -2.24 27.09 -2.20
CA GLY A 110 -2.04 28.06 -3.27
C GLY A 110 -2.64 27.70 -4.61
N GLN A 111 -2.03 26.76 -5.31
CA GLN A 111 -2.41 26.46 -6.69
C GLN A 111 -3.60 25.53 -6.81
N PHE A 112 -4.22 25.18 -5.68
CA PHE A 112 -5.43 24.37 -5.65
C PHE A 112 -6.61 25.10 -5.01
N SER A 113 -6.37 26.25 -4.39
CA SER A 113 -7.44 27.07 -3.84
C SER A 113 -8.02 28.03 -4.86
N GLN A 114 -7.72 27.84 -6.14
CA GLN A 114 -8.30 28.71 -7.15
C GLN A 114 -9.80 28.51 -7.16
N LEU A 115 -10.55 29.62 -7.08
CA LEU A 115 -12.01 29.57 -7.06
C LEU A 115 -12.50 29.48 -8.50
N VAL A 116 -12.47 28.26 -9.03
CA VAL A 116 -12.80 27.99 -10.43
C VAL A 116 -14.24 27.50 -10.49
N LYS A 117 -14.93 27.84 -11.57
CA LYS A 117 -16.31 27.39 -11.72
C LYS A 117 -16.34 25.92 -12.11
N PRO A 118 -17.32 25.16 -11.63
CA PRO A 118 -17.46 23.78 -12.10
C PRO A 118 -17.73 23.72 -13.59
N THR A 119 -17.45 22.57 -14.17
CA THR A 119 -17.60 22.35 -15.60
C THR A 119 -19.03 21.92 -15.93
N GLU A 120 -19.30 21.79 -17.23
CA GLU A 120 -20.61 21.30 -17.66
C GLU A 120 -20.86 19.89 -17.13
N ASN A 121 -19.80 19.07 -17.04
CA ASN A 121 -19.94 17.75 -16.44
C ASN A 121 -20.45 17.83 -15.00
N HIS A 122 -19.93 18.78 -14.23
CA HIS A 122 -20.36 18.93 -12.85
C HIS A 122 -21.83 19.28 -12.76
N LYS A 123 -22.29 20.21 -13.60
CA LYS A 123 -23.70 20.60 -13.58
C LYS A 123 -24.59 19.42 -14.00
N LEU A 124 -24.15 18.67 -15.01
CA LEU A 124 -24.92 17.49 -15.43
C LEU A 124 -25.01 16.46 -14.31
N LEU A 125 -23.91 16.24 -13.59
CA LEU A 125 -23.94 15.34 -12.44
C LEU A 125 -24.87 15.87 -11.35
N SER A 126 -24.94 17.20 -11.21
CA SER A 126 -25.90 17.77 -10.27
C SER A 126 -27.32 17.48 -10.69
N GLN A 127 -27.59 17.52 -12.00
CA GLN A 127 -28.94 17.25 -12.49
C GLN A 127 -29.31 15.77 -12.37
N LEU A 128 -28.33 14.87 -12.31
CA LEU A 128 -28.60 13.45 -12.18
C LEU A 128 -28.90 13.07 -10.73
N PRO A 129 -29.52 11.89 -10.51
CA PRO A 129 -29.89 11.45 -9.15
C PRO A 129 -28.76 10.73 -8.42
N ILE A 130 -27.60 11.36 -8.32
CA ILE A 130 -26.45 10.77 -7.66
C ILE A 130 -26.40 11.32 -6.23
N SER A 131 -26.63 10.45 -5.25
CA SER A 131 -26.68 10.84 -3.85
C SER A 131 -25.38 10.57 -3.10
N THR A 132 -24.53 9.67 -3.60
CA THR A 132 -23.28 9.32 -2.96
C THR A 132 -22.15 9.71 -3.91
N PHE A 133 -21.28 10.60 -3.45
CA PHE A 133 -20.14 11.08 -4.22
C PHE A 133 -18.87 10.80 -3.43
N TRP A 134 -17.92 10.12 -4.06
CA TRP A 134 -16.60 9.88 -3.49
C TRP A 134 -15.56 10.47 -4.43
N THR A 135 -14.62 11.22 -3.89
CA THR A 135 -13.63 11.88 -4.73
C THR A 135 -12.29 11.93 -4.01
N THR A 136 -11.23 11.92 -4.81
CA THR A 136 -9.86 12.06 -4.33
C THR A 136 -9.34 13.48 -4.51
N ASN A 137 -10.09 14.35 -5.18
CA ASN A 137 -9.63 15.69 -5.46
C ASN A 137 -9.61 16.54 -4.20
N TYR A 138 -8.77 17.57 -4.22
CA TYR A 138 -8.66 18.47 -3.08
C TYR A 138 -9.51 19.73 -3.26
N ASP A 139 -9.98 20.00 -4.47
CA ASP A 139 -10.83 21.14 -4.75
C ASP A 139 -12.26 20.86 -4.31
N LYS A 140 -13.11 21.88 -4.45
CA LYS A 140 -14.52 21.80 -4.06
C LYS A 140 -15.45 22.05 -5.25
N LEU A 141 -15.01 21.65 -6.46
CA LEU A 141 -15.81 21.91 -7.65
C LEU A 141 -17.14 21.16 -7.61
N ILE A 142 -17.12 19.86 -7.32
CA ILE A 142 -18.36 19.08 -7.36
C ILE A 142 -19.30 19.51 -6.25
N GLU A 143 -18.76 19.90 -5.09
CA GLU A 143 -19.60 20.35 -4.00
C GLU A 143 -20.32 21.63 -4.36
N LYS A 144 -19.63 22.60 -4.97
CA LYS A 144 -20.28 23.84 -5.33
C LYS A 144 -21.24 23.64 -6.50
N ALA A 145 -20.86 22.80 -7.47
CA ALA A 145 -21.77 22.48 -8.56
C ALA A 145 -23.08 21.95 -8.02
N LEU A 146 -23.02 21.19 -6.91
CA LEU A 146 -24.27 20.78 -6.27
C LEU A 146 -24.92 21.94 -5.54
N GLU A 147 -24.12 22.78 -4.87
CA GLU A 147 -24.67 23.99 -4.27
C GLU A 147 -25.27 24.90 -5.33
N ASN A 148 -24.68 24.93 -6.53
CA ASN A 148 -25.25 25.63 -7.68
C ASN A 148 -26.46 24.85 -8.19
N ASN A 149 -27.40 24.59 -7.29
CA ASN A 149 -28.62 23.85 -7.62
C ASN A 149 -29.50 23.82 -6.37
N MET A 150 -30.58 23.05 -6.42
CA MET A 150 -31.45 22.89 -5.24
C MET A 150 -30.85 21.94 -4.23
N LYS A 151 -29.63 21.44 -4.47
CA LYS A 151 -29.03 20.39 -3.67
C LYS A 151 -28.41 20.97 -2.40
N LYS A 152 -28.40 20.16 -1.34
CA LYS A 152 -27.81 20.52 -0.06
C LYS A 152 -26.65 19.56 0.19
N PRO A 153 -25.47 19.83 -0.37
CA PRO A 153 -24.36 18.89 -0.19
C PRO A 153 -23.85 18.92 1.24
N TYR A 154 -23.45 17.75 1.73
CA TYR A 154 -22.79 17.59 3.03
C TYR A 154 -21.42 16.98 2.73
N VAL A 155 -20.38 17.81 2.83
CA VAL A 155 -19.03 17.35 2.57
C VAL A 155 -18.48 16.64 3.80
N LYS A 156 -18.03 15.41 3.62
CA LYS A 156 -17.46 14.62 4.71
C LYS A 156 -15.97 14.43 4.46
N THR A 157 -15.15 14.84 5.42
CA THR A 157 -13.69 14.76 5.34
C THR A 157 -13.04 14.16 6.57
N LYS A 158 -13.73 14.12 7.72
CA LYS A 158 -13.19 13.60 8.96
C LYS A 158 -14.10 12.52 9.51
N ASP A 159 -13.51 11.64 10.32
CA ASP A 159 -14.27 10.53 10.90
C ASP A 159 -15.49 11.02 11.66
N GLU A 160 -15.34 12.12 12.42
CA GLU A 160 -16.42 12.59 13.28
C GLU A 160 -17.71 12.78 12.49
N GLN A 161 -17.63 13.02 11.18
CA GLN A 161 -18.82 13.21 10.38
C GLN A 161 -19.44 11.90 9.93
N LEU A 162 -18.64 10.84 9.80
CA LEU A 162 -19.15 9.54 9.38
C LEU A 162 -19.80 8.77 10.53
N ARG A 163 -19.61 9.23 11.77
CA ARG A 163 -20.11 8.49 12.91
C ARG A 163 -21.63 8.39 12.91
N GLY A 164 -22.14 7.23 13.29
CA GLY A 164 -23.56 7.06 13.49
C GLY A 164 -24.34 6.91 12.20
N THR A 165 -25.37 7.74 12.06
CA THR A 165 -26.26 7.68 10.90
C THR A 165 -26.93 9.04 10.74
N ASN A 166 -27.24 9.40 9.49
CA ASN A 166 -28.02 10.59 9.21
C ASN A 166 -28.67 10.44 7.83
N HIS A 167 -29.93 10.88 7.72
CA HIS A 167 -30.69 10.75 6.48
C HIS A 167 -31.14 12.08 5.89
N ASN A 168 -30.96 13.19 6.60
CA ASN A 168 -31.62 14.43 6.22
C ASN A 168 -31.01 15.04 4.96
N PHE A 169 -29.68 15.04 4.87
CA PHE A 169 -29.02 15.84 3.86
C PHE A 169 -29.31 15.28 2.47
N ASP A 170 -29.31 16.17 1.47
CA ASP A 170 -29.70 15.78 0.12
C ASP A 170 -28.67 14.86 -0.53
N ALA A 171 -27.40 14.98 -0.16
CA ALA A 171 -26.34 14.14 -0.71
C ALA A 171 -25.06 14.42 0.06
N ILE A 172 -24.15 13.44 0.04
CA ILE A 172 -22.86 13.54 0.72
C ILE A 172 -21.75 13.45 -0.30
N VAL A 173 -20.72 14.27 -0.11
CA VAL A 173 -19.51 14.25 -0.93
C VAL A 173 -18.37 13.79 -0.04
N TYR A 174 -17.94 12.54 -0.22
CA TYR A 174 -16.85 11.97 0.57
C TYR A 174 -15.51 12.38 -0.04
N LYS A 175 -14.68 13.07 0.74
CA LYS A 175 -13.34 13.50 0.29
C LYS A 175 -12.27 12.60 0.90
N LEU A 176 -11.92 11.55 0.17
CA LEU A 176 -11.00 10.54 0.72
C LEU A 176 -9.64 11.14 1.07
N HIS A 177 -9.07 11.92 0.16
CA HIS A 177 -7.72 12.46 0.32
C HIS A 177 -7.73 13.89 0.88
N GLY A 178 -8.73 14.24 1.66
CA GLY A 178 -8.76 15.53 2.30
C GLY A 178 -9.34 16.62 1.42
N ASP A 179 -9.15 17.85 1.90
CA ASP A 179 -9.75 19.03 1.31
C ASP A 179 -8.74 20.18 1.40
N VAL A 180 -8.96 21.20 0.58
CA VAL A 180 -8.04 22.33 0.53
C VAL A 180 -8.19 23.24 1.75
N GLU A 181 -9.31 23.14 2.48
CA GLU A 181 -9.49 23.96 3.67
C GLU A 181 -8.65 23.46 4.84
N THR A 182 -8.15 22.23 4.79
CA THR A 182 -7.32 21.66 5.85
C THR A 182 -6.21 20.86 5.20
N PRO A 183 -5.26 21.54 4.53
CA PRO A 183 -4.20 20.81 3.80
C PRO A 183 -3.23 20.09 4.71
N GLU A 184 -3.12 20.49 5.99
CA GLU A 184 -2.24 19.76 6.90
C GLU A 184 -2.70 18.31 7.08
N ASP A 185 -3.95 18.01 6.75
CA ASP A 185 -4.48 16.65 6.81
C ASP A 185 -4.61 16.03 5.43
N ALA A 186 -4.35 16.78 4.36
CA ALA A 186 -4.54 16.25 3.02
C ALA A 186 -3.60 15.06 2.79
N VAL A 187 -4.06 14.13 1.97
CA VAL A 187 -3.28 12.94 1.63
C VAL A 187 -2.52 13.26 0.34
N ILE A 188 -1.22 13.49 0.47
CA ILE A 188 -0.38 13.93 -0.64
C ILE A 188 0.88 13.07 -0.70
N THR A 189 1.68 13.11 0.36
CA THR A 189 2.94 12.38 0.38
C THR A 189 2.69 10.88 0.54
N ARG A 190 3.76 10.11 0.40
CA ARG A 190 3.65 8.65 0.54
C ARG A 190 3.19 8.26 1.94
N SER A 191 3.81 8.83 2.97
CA SER A 191 3.46 8.47 4.33
C SER A 191 2.06 8.96 4.71
N ASP A 192 1.50 9.92 3.98
CA ASP A 192 0.10 10.25 4.20
C ASP A 192 -0.81 9.10 3.76
N TYR A 193 -0.36 8.32 2.76
CA TYR A 193 -1.08 7.10 2.41
C TYR A 193 -0.77 5.97 3.39
N GLU A 194 0.48 5.88 3.86
CA GLU A 194 0.82 4.85 4.83
C GLU A 194 0.03 5.00 6.13
N GLU A 195 -0.09 6.24 6.62
CA GLU A 195 -0.83 6.51 7.86
C GLU A 195 -2.34 6.65 7.62
N PHE A 196 -2.83 6.23 6.46
CA PHE A 196 -4.25 6.36 6.13
C PHE A 196 -5.06 5.29 6.85
N GLY A 197 -5.96 5.73 7.72
CA GLY A 197 -6.84 4.83 8.44
C GLY A 197 -6.39 4.49 9.84
N TYR A 198 -5.13 4.77 10.17
CA TYR A 198 -4.55 4.44 11.47
C TYR A 198 -4.63 5.64 12.41
N ASN A 199 -3.97 6.75 12.06
CA ASN A 199 -4.09 7.96 12.86
C ASN A 199 -5.31 8.79 12.52
N LYS A 200 -5.78 8.72 11.26
CA LYS A 200 -6.82 9.62 10.77
C LYS A 200 -7.57 8.92 9.64
N ARG A 201 -8.82 9.32 9.44
CA ARG A 201 -9.66 8.74 8.39
C ARG A 201 -9.83 7.25 8.64
N LYS A 202 -10.09 6.93 9.92
CA LYS A 202 -10.21 5.55 10.36
C LYS A 202 -11.45 4.87 9.80
N LEU A 203 -12.55 5.61 9.68
CA LEU A 203 -13.83 5.05 9.27
C LEU A 203 -14.06 5.12 7.77
N PHE A 204 -13.27 5.91 7.04
CA PHE A 204 -13.46 6.02 5.60
C PHE A 204 -13.34 4.67 4.91
N ARG A 205 -12.43 3.82 5.40
CA ARG A 205 -12.12 2.56 4.73
C ARG A 205 -13.35 1.65 4.66
N GLU A 206 -14.00 1.44 5.80
CA GLU A 206 -15.14 0.53 5.85
C GLU A 206 -16.38 1.12 5.19
N VAL A 207 -16.58 2.44 5.30
CA VAL A 207 -17.74 3.08 4.69
C VAL A 207 -17.61 3.08 3.16
N LEU A 208 -16.40 3.32 2.65
CA LEU A 208 -16.18 3.24 1.21
C LEU A 208 -16.42 1.82 0.72
N GLU A 209 -15.87 0.83 1.44
CA GLU A 209 -16.11 -0.55 1.03
C GLU A 209 -17.60 -0.86 1.01
N GLY A 210 -18.36 -0.34 1.98
CA GLY A 210 -19.79 -0.56 1.97
C GLY A 210 -20.47 0.03 0.75
N ASP A 211 -20.21 1.31 0.47
CA ASP A 211 -20.80 1.93 -0.72
C ASP A 211 -20.38 1.19 -2.00
N LEU A 212 -19.14 0.66 -2.02
CA LEU A 212 -18.66 -0.05 -3.20
C LEU A 212 -19.36 -1.40 -3.36
N LEU A 213 -19.73 -2.03 -2.26
CA LEU A 213 -20.40 -3.32 -2.33
C LEU A 213 -21.91 -3.23 -2.52
N THR A 214 -22.51 -2.06 -2.26
CA THR A 214 -23.95 -1.91 -2.42
C THR A 214 -24.37 -1.04 -3.59
N LYS A 215 -23.70 0.08 -3.83
CA LYS A 215 -24.07 0.95 -4.95
C LYS A 215 -23.30 0.54 -6.20
N THR A 216 -23.78 1.03 -7.34
CA THR A 216 -23.08 0.93 -8.61
C THR A 216 -22.42 2.29 -8.87
N PHE A 217 -21.10 2.30 -8.97
CA PHE A 217 -20.34 3.55 -9.04
C PHE A 217 -19.88 3.81 -10.46
N LEU A 218 -19.91 5.09 -10.85
CA LEU A 218 -19.39 5.54 -12.13
C LEU A 218 -18.10 6.30 -11.89
N PHE A 219 -17.00 5.80 -12.46
CA PHE A 219 -15.68 6.39 -12.29
C PHE A 219 -15.38 7.28 -13.48
N LEU A 220 -14.84 8.48 -13.20
CA LEU A 220 -14.67 9.45 -14.27
C LEU A 220 -13.23 9.95 -14.37
N GLY A 221 -12.81 10.83 -13.48
CA GLY A 221 -11.53 11.48 -13.64
C GLY A 221 -10.32 10.67 -13.24
N PHE A 222 -10.03 9.58 -13.95
CA PHE A 222 -8.90 8.73 -13.59
C PHE A 222 -8.26 8.14 -14.84
N SER A 223 -6.99 7.76 -14.70
CA SER A 223 -6.24 7.11 -15.76
C SER A 223 -5.15 6.25 -15.12
N PHE A 224 -4.84 5.13 -15.77
CA PHE A 224 -3.75 4.28 -15.30
C PHE A 224 -2.44 5.05 -15.17
N GLU A 225 -2.32 6.19 -15.85
CA GLU A 225 -1.10 6.99 -15.84
C GLU A 225 -1.07 8.01 -14.71
N ASP A 226 -2.10 8.05 -13.86
CA ASP A 226 -2.07 8.89 -12.68
C ASP A 226 -0.87 8.53 -11.81
N PRO A 227 -0.42 9.44 -10.93
CA PRO A 227 0.74 9.12 -10.10
C PRO A 227 0.37 8.34 -8.84
N ASN A 228 -0.85 8.53 -8.34
CA ASN A 228 -1.29 7.87 -7.12
C ASN A 228 -2.13 6.61 -7.39
N PHE A 229 -2.09 6.09 -8.62
CA PHE A 229 -2.99 5.00 -8.99
C PHE A 229 -2.75 3.76 -8.15
N ASN A 230 -1.48 3.32 -8.09
CA ASN A 230 -1.17 2.13 -7.29
C ASN A 230 -1.79 2.23 -5.91
N TYR A 231 -1.73 3.43 -5.30
CA TYR A 231 -2.28 3.62 -3.96
C TYR A 231 -3.80 3.63 -3.97
N VAL A 232 -4.42 4.23 -4.99
CA VAL A 232 -5.87 4.34 -5.03
C VAL A 232 -6.52 2.96 -5.19
N ILE A 233 -5.99 2.15 -6.10
CA ILE A 233 -6.65 0.90 -6.46
C ILE A 233 -6.68 -0.07 -5.28
N GLY A 234 -5.73 0.04 -4.36
CA GLY A 234 -5.69 -0.86 -3.22
C GLY A 234 -6.95 -0.81 -2.37
N ARG A 235 -7.64 0.33 -2.38
CA ARG A 235 -8.85 0.47 -1.57
C ARG A 235 -9.98 -0.44 -2.02
N LEU A 236 -9.96 -0.87 -3.28
CA LEU A 236 -11.00 -1.71 -3.85
C LEU A 236 -10.74 -3.20 -3.65
N ARG A 237 -9.78 -3.58 -2.80
CA ARG A 237 -9.46 -4.99 -2.66
C ARG A 237 -10.65 -5.84 -2.23
N VAL A 238 -11.64 -5.24 -1.59
CA VAL A 238 -12.82 -6.00 -1.18
C VAL A 238 -13.60 -6.49 -2.38
N LEU A 239 -13.50 -5.78 -3.51
CA LEU A 239 -14.23 -6.19 -4.71
C LEU A 239 -13.63 -7.43 -5.36
N LEU A 240 -12.46 -7.87 -4.90
CA LEU A 240 -11.85 -9.09 -5.41
C LEU A 240 -12.46 -10.34 -4.78
N ASP A 241 -13.14 -10.20 -3.65
CA ASP A 241 -13.84 -11.33 -3.06
C ASP A 241 -14.74 -11.95 -4.11
N GLU A 242 -14.54 -13.24 -4.37
CA GLU A 242 -15.31 -13.92 -5.41
C GLU A 242 -16.81 -13.80 -5.18
N LYS A 243 -17.23 -13.52 -3.95
CA LYS A 243 -18.64 -13.37 -3.64
C LYS A 243 -19.19 -12.00 -4.06
N ASN A 244 -18.44 -11.24 -4.86
CA ASN A 244 -18.85 -9.91 -5.31
C ASN A 244 -19.67 -10.02 -6.58
N THR A 245 -20.93 -9.59 -6.52
CA THR A 245 -21.80 -9.51 -7.68
C THR A 245 -21.80 -8.14 -8.34
N ARG A 246 -21.23 -7.14 -7.67
CA ARG A 246 -21.42 -5.76 -8.10
C ARG A 246 -20.52 -5.43 -9.28
N LYS A 247 -21.06 -4.63 -10.20
CA LYS A 247 -20.38 -4.15 -11.37
C LYS A 247 -20.29 -2.63 -11.27
N HIS A 248 -19.15 -2.07 -11.65
CA HIS A 248 -18.94 -0.63 -11.67
C HIS A 248 -18.39 -0.25 -13.03
N TYR A 249 -18.44 1.05 -13.34
CA TYR A 249 -18.14 1.50 -14.69
C TYR A 249 -17.27 2.73 -14.66
N CYS A 250 -16.39 2.83 -15.66
CA CYS A 250 -15.42 3.91 -15.74
C CYS A 250 -15.30 4.37 -17.19
N ILE A 251 -14.72 5.55 -17.36
CA ILE A 251 -14.49 6.15 -18.67
C ILE A 251 -13.03 6.62 -18.70
N MET A 252 -12.34 6.32 -19.79
CA MET A 252 -10.92 6.64 -19.89
C MET A 252 -10.56 7.03 -21.32
N LYS A 253 -9.40 7.67 -21.46
CA LYS A 253 -8.95 8.16 -22.75
C LYS A 253 -8.29 7.03 -23.54
N ARG A 254 -8.76 6.84 -24.77
CA ARG A 254 -8.13 5.89 -25.68
C ARG A 254 -6.77 6.39 -26.15
N VAL A 255 -5.87 5.46 -26.46
CA VAL A 255 -4.55 5.81 -26.96
C VAL A 255 -4.66 6.46 -28.33
N GLN A 256 -3.67 7.28 -28.67
CA GLN A 256 -3.66 8.05 -29.91
C GLN A 256 -2.40 7.74 -30.71
N ASP A 257 -2.55 7.70 -32.05
CA ASP A 257 -1.44 7.36 -32.94
C ASP A 257 -0.23 8.25 -32.69
N ALA A 258 -0.44 9.56 -32.57
CA ALA A 258 0.67 10.49 -32.32
C ALA A 258 1.49 10.06 -31.11
N ASP A 259 0.85 9.51 -30.09
CA ASP A 259 1.55 9.08 -28.89
C ASP A 259 2.63 8.05 -29.24
N GLU A 260 3.87 8.34 -28.86
CA GLU A 260 4.97 7.43 -29.15
C GLU A 260 4.68 6.05 -28.59
N ASP A 261 5.28 5.03 -29.22
CA ASP A 261 5.05 3.64 -28.83
C ASP A 261 3.56 3.31 -28.87
N TYR A 262 2.88 3.76 -29.93
CA TYR A 262 1.43 3.68 -29.98
C TYR A 262 0.93 2.26 -29.69
N GLU A 263 1.37 1.28 -30.49
CA GLU A 263 0.89 -0.08 -30.30
C GLU A 263 1.28 -0.60 -28.93
N TYR A 264 2.45 -0.22 -28.43
CA TYR A 264 2.88 -0.67 -27.11
C TYR A 264 1.97 -0.12 -26.01
N LYS A 265 1.69 1.19 -26.06
CA LYS A 265 0.79 1.77 -25.08
C LYS A 265 -0.62 1.22 -25.22
N LYS A 266 -1.03 0.86 -26.44
CA LYS A 266 -2.32 0.21 -26.61
C LYS A 266 -2.34 -1.15 -25.93
N ALA A 267 -1.24 -1.90 -26.03
CA ALA A 267 -1.16 -3.19 -25.35
C ALA A 267 -1.16 -3.03 -23.82
N ARG A 268 -0.35 -2.09 -23.32
CA ARG A 268 -0.34 -1.84 -21.89
C ARG A 268 -1.72 -1.44 -21.38
N GLN A 269 -2.38 -0.51 -22.07
CA GLN A 269 -3.70 -0.06 -21.64
C GLN A 269 -4.72 -1.19 -21.75
N GLU A 270 -4.59 -2.04 -22.77
CA GLU A 270 -5.47 -3.20 -22.90
C GLU A 270 -5.35 -4.12 -21.70
N LEU A 271 -4.12 -4.51 -21.36
CA LEU A 271 -3.93 -5.39 -20.20
C LEU A 271 -4.34 -4.71 -18.91
N GLN A 272 -4.17 -3.39 -18.80
CA GLN A 272 -4.60 -2.67 -17.61
C GLN A 272 -6.12 -2.64 -17.50
N ILE A 273 -6.81 -2.54 -18.63
CA ILE A 273 -8.28 -2.57 -18.60
C ILE A 273 -8.76 -3.95 -18.15
N GLU A 274 -8.09 -5.00 -18.62
CA GLU A 274 -8.43 -6.34 -18.15
C GLU A 274 -8.09 -6.51 -16.67
N ASP A 275 -7.08 -5.77 -16.18
CA ASP A 275 -6.75 -5.82 -14.76
C ASP A 275 -7.84 -5.20 -13.91
N LEU A 276 -8.42 -4.09 -14.35
CA LEU A 276 -9.49 -3.47 -13.56
C LEU A 276 -10.65 -4.42 -13.35
N ASN A 277 -11.02 -5.20 -14.37
CA ASN A 277 -12.24 -6.02 -14.30
C ASN A 277 -12.21 -7.01 -13.14
N ARG A 278 -11.03 -7.27 -12.58
CA ARG A 278 -10.95 -8.13 -11.39
C ARG A 278 -11.76 -7.54 -10.25
N TYR A 279 -11.82 -6.21 -10.16
CA TYR A 279 -12.60 -5.51 -9.17
C TYR A 279 -14.04 -5.29 -9.60
N GLY A 280 -14.47 -5.92 -10.68
CA GLY A 280 -15.83 -5.70 -11.17
C GLY A 280 -16.00 -4.37 -11.86
N ILE A 281 -14.94 -3.80 -12.40
CA ILE A 281 -14.97 -2.50 -13.07
C ILE A 281 -14.85 -2.72 -14.57
N PHE A 282 -15.75 -2.11 -15.32
CA PHE A 282 -15.76 -2.11 -16.78
C PHE A 282 -15.37 -0.73 -17.28
N THR A 283 -14.98 -0.67 -18.56
CA THR A 283 -14.36 0.53 -19.11
C THR A 283 -14.98 0.90 -20.45
N TYR A 284 -15.25 2.20 -20.62
CA TYR A 284 -15.54 2.78 -21.92
C TYR A 284 -14.38 3.70 -22.29
N LEU A 285 -14.05 3.74 -23.59
CA LEU A 285 -12.88 4.45 -24.09
C LEU A 285 -13.33 5.57 -24.99
N VAL A 286 -12.93 6.80 -24.64
CA VAL A 286 -13.22 7.96 -25.45
C VAL A 286 -12.00 8.29 -26.30
N ASN A 287 -12.22 9.12 -27.32
CA ASN A 287 -11.14 9.66 -28.14
C ASN A 287 -10.87 11.13 -27.86
N LYS A 288 -11.85 11.84 -27.30
CA LYS A 288 -11.67 13.18 -26.78
C LYS A 288 -12.49 13.28 -25.50
N TYR A 289 -12.03 14.13 -24.57
CA TYR A 289 -12.71 14.23 -23.30
C TYR A 289 -14.14 14.72 -23.46
N ASP A 290 -14.45 15.38 -24.58
CA ASP A 290 -15.80 15.84 -24.84
C ASP A 290 -16.82 14.71 -24.72
N GLU A 291 -16.42 13.49 -25.09
CA GLU A 291 -17.39 12.39 -25.07
C GLU A 291 -17.95 12.16 -23.68
N ILE A 292 -17.16 12.41 -22.62
CA ILE A 292 -17.72 12.31 -21.28
C ILE A 292 -18.98 13.15 -21.19
N THR A 293 -18.86 14.43 -21.58
CA THR A 293 -20.02 15.32 -21.54
C THR A 293 -21.15 14.79 -22.41
N GLU A 294 -20.81 14.20 -23.56
CA GLU A 294 -21.84 13.66 -24.44
C GLU A 294 -22.62 12.54 -23.75
N ILE A 295 -21.95 11.72 -22.95
CA ILE A 295 -22.64 10.62 -22.30
C ILE A 295 -23.49 11.12 -21.14
N LEU A 296 -22.87 11.90 -20.25
CA LEU A 296 -23.62 12.49 -19.15
C LEU A 296 -24.83 13.25 -19.68
N SER A 297 -24.61 14.12 -20.67
CA SER A 297 -25.70 14.87 -21.28
C SER A 297 -26.79 13.91 -21.73
N THR A 298 -26.42 12.87 -22.48
CA THR A 298 -27.42 11.91 -22.93
C THR A 298 -28.20 11.36 -21.75
N LEU A 299 -27.48 10.95 -20.70
CA LEU A 299 -28.14 10.35 -19.54
C LEU A 299 -29.01 11.37 -18.83
N VAL A 300 -28.63 12.64 -18.85
CA VAL A 300 -29.49 13.66 -18.28
C VAL A 300 -30.77 13.75 -19.08
N ASP A 301 -30.65 13.90 -20.40
CA ASP A 301 -31.84 14.07 -21.23
C ASP A 301 -32.82 12.92 -20.99
N ARG A 302 -32.35 11.69 -21.17
CA ARG A 302 -33.20 10.51 -21.00
C ARG A 302 -33.72 10.37 -19.58
N PHE A 303 -33.04 10.94 -18.59
CA PHE A 303 -33.60 10.90 -17.24
C PHE A 303 -34.65 11.99 -17.04
N ARG A 304 -34.45 13.15 -17.67
CA ARG A 304 -35.37 14.25 -17.46
C ARG A 304 -36.79 13.89 -17.89
N ARG A 305 -36.92 13.03 -18.90
CA ARG A 305 -38.24 12.66 -19.39
C ARG A 305 -39.07 11.87 -18.39
N LYS A 306 -38.50 11.42 -17.27
CA LYS A 306 -39.34 10.84 -16.24
C LYS A 306 -40.13 11.89 -15.47
N THR A 307 -39.73 13.16 -15.54
CA THR A 307 -40.41 14.27 -14.88
C THR A 307 -40.83 15.29 -15.94
N ILE A 308 -42.12 15.65 -15.94
CA ILE A 308 -42.73 16.45 -16.99
C ILE A 308 -43.20 17.79 -16.44
N PHE A 309 -43.14 18.82 -17.28
CA PHE A 309 -43.64 20.15 -17.00
C PHE A 309 -44.95 20.37 -17.77
N ILE A 310 -45.93 20.99 -17.12
CA ILE A 310 -47.24 21.24 -17.71
C ILE A 310 -47.55 22.73 -17.61
N SER A 311 -48.01 23.31 -18.73
CA SER A 311 -48.29 24.73 -18.82
C SER A 311 -49.73 24.93 -19.30
N GLY A 312 -50.31 26.04 -18.90
CA GLY A 312 -51.65 26.38 -19.37
C GLY A 312 -52.40 27.19 -18.33
N SER A 313 -53.58 27.64 -18.75
CA SER A 313 -54.51 28.37 -17.90
C SER A 313 -55.85 28.45 -18.64
N ALA A 314 -56.95 28.12 -17.97
CA ALA A 314 -58.25 28.02 -18.63
C ALA A 314 -59.23 28.87 -17.83
N TYR A 315 -59.42 30.10 -18.30
CA TYR A 315 -60.53 30.93 -17.83
C TYR A 315 -61.85 30.37 -18.37
N SER A 316 -61.81 29.81 -19.57
CA SER A 316 -62.94 29.11 -20.18
C SER A 316 -62.45 27.72 -20.58
N TYR A 317 -63.35 26.74 -20.48
CA TYR A 317 -63.01 25.33 -20.71
C TYR A 317 -63.45 24.98 -22.13
N SER A 318 -62.62 25.36 -23.09
CA SER A 318 -62.93 25.18 -24.50
C SER A 318 -63.11 23.71 -24.87
N ALA A 319 -64.09 23.47 -25.76
CA ALA A 319 -64.47 22.16 -26.25
C ALA A 319 -65.06 21.24 -25.19
N TYR A 320 -64.99 21.66 -23.92
CA TYR A 320 -65.52 20.91 -22.79
C TYR A 320 -66.50 21.77 -22.00
N SER A 321 -67.46 21.11 -21.35
CA SER A 321 -68.20 21.81 -20.31
C SER A 321 -67.24 22.13 -19.16
N GLN A 322 -67.67 23.04 -18.27
CA GLN A 322 -66.80 23.44 -17.17
C GLN A 322 -66.32 22.22 -16.38
N LYS A 323 -67.27 21.42 -15.90
CA LYS A 323 -66.92 20.24 -15.11
C LYS A 323 -66.07 19.26 -15.92
N THR A 324 -66.30 19.18 -17.23
CA THR A 324 -65.54 18.24 -18.04
C THR A 324 -64.11 18.71 -18.24
N GLY A 325 -63.91 20.01 -18.42
CA GLY A 325 -62.56 20.54 -18.53
C GLY A 325 -61.81 20.49 -17.22
N GLU A 326 -62.53 20.55 -16.10
CA GLU A 326 -61.88 20.37 -14.80
C GLU A 326 -61.44 18.93 -14.59
N ASN A 327 -62.35 17.97 -14.83
CA ASN A 327 -62.02 16.58 -14.55
C ASN A 327 -61.10 15.97 -15.60
N PHE A 328 -61.01 16.52 -16.81
CA PHE A 328 -60.02 16.05 -17.76
C PHE A 328 -58.61 16.26 -17.21
N ILE A 329 -58.36 17.47 -16.70
CA ILE A 329 -57.07 17.78 -16.09
C ILE A 329 -56.83 16.89 -14.86
N HIS A 330 -57.85 16.79 -14.00
CA HIS A 330 -57.73 15.96 -12.80
C HIS A 330 -57.32 14.53 -13.15
N LYS A 331 -58.08 13.89 -14.05
CA LYS A 331 -57.85 12.49 -14.41
C LYS A 331 -56.61 12.31 -15.27
N LEU A 332 -56.09 13.37 -15.89
CA LEU A 332 -54.82 13.25 -16.59
C LEU A 332 -53.66 13.23 -15.62
N SER A 333 -53.64 14.16 -14.66
CA SER A 333 -52.56 14.18 -13.68
C SER A 333 -52.56 12.90 -12.84
N PHE A 334 -53.74 12.39 -12.50
CA PHE A 334 -53.78 11.14 -11.76
C PHE A 334 -53.04 10.03 -12.50
N GLU A 335 -53.39 9.82 -13.78
CA GLU A 335 -52.74 8.75 -14.55
C GLU A 335 -51.26 9.03 -14.76
N LEU A 336 -50.87 10.30 -14.90
CA LEU A 336 -49.45 10.59 -15.01
C LEU A 336 -48.71 10.20 -13.73
N SER A 337 -49.37 10.30 -12.58
CA SER A 337 -48.75 9.83 -11.35
C SER A 337 -48.76 8.30 -11.27
N LYS A 338 -49.83 7.66 -11.76
CA LYS A 338 -49.90 6.20 -11.72
C LYS A 338 -48.75 5.58 -12.53
N ASN A 339 -48.40 6.20 -13.65
CA ASN A 339 -47.34 5.67 -14.51
C ASN A 339 -45.95 6.09 -14.03
N GLY A 340 -45.86 6.69 -12.85
CA GLY A 340 -44.58 6.99 -12.25
C GLY A 340 -43.86 8.16 -12.87
N TYR A 341 -44.59 9.23 -13.18
CA TYR A 341 -44.02 10.44 -13.76
C TYR A 341 -44.29 11.60 -12.81
N HIS A 342 -43.26 12.41 -12.57
CA HIS A 342 -43.35 13.56 -11.69
C HIS A 342 -43.84 14.77 -12.47
N ILE A 343 -44.64 15.60 -11.82
CA ILE A 343 -45.31 16.73 -12.47
C ILE A 343 -44.72 18.02 -11.92
N VAL A 344 -44.45 18.96 -12.82
CA VAL A 344 -44.05 20.31 -12.45
C VAL A 344 -45.09 21.26 -13.06
N ASN A 345 -45.78 22.01 -12.20
CA ASN A 345 -46.88 22.86 -12.64
C ASN A 345 -46.76 24.22 -11.97
N GLY A 346 -47.25 25.24 -12.67
CA GLY A 346 -47.19 26.60 -12.15
C GLY A 346 -48.47 27.01 -11.47
N TYR A 347 -49.22 26.03 -11.00
CA TYR A 347 -50.55 26.23 -10.42
C TYR A 347 -51.32 27.33 -11.15
N GLY A 348 -51.59 27.09 -12.43
CA GLY A 348 -52.35 28.06 -13.18
C GLY A 348 -53.84 27.94 -12.91
N LYS A 349 -54.53 29.06 -13.03
CA LYS A 349 -55.98 29.07 -12.88
C LYS A 349 -56.64 28.31 -14.03
N GLY A 350 -57.49 27.35 -13.67
CA GLY A 350 -58.24 26.58 -14.65
C GLY A 350 -57.50 25.42 -15.29
N VAL A 351 -56.17 25.48 -15.38
CA VAL A 351 -55.37 24.37 -15.89
C VAL A 351 -54.60 23.70 -14.76
N GLY A 352 -53.79 24.48 -14.03
CA GLY A 352 -53.02 23.92 -12.94
C GLY A 352 -53.87 23.62 -11.73
N GLU A 353 -54.95 24.38 -11.53
CA GLU A 353 -55.74 24.29 -10.31
C GLU A 353 -56.17 22.87 -9.98
N PHE A 354 -56.50 22.08 -10.99
CA PHE A 354 -57.04 20.73 -10.81
C PHE A 354 -56.01 19.63 -10.98
N VAL A 355 -54.82 19.96 -11.50
CA VAL A 355 -53.69 19.03 -11.42
C VAL A 355 -53.42 18.63 -9.98
N LEU A 356 -53.43 19.61 -9.08
CA LEU A 356 -53.25 19.32 -7.66
C LEU A 356 -54.29 18.34 -7.16
N ASN A 357 -55.56 18.56 -7.51
CA ASN A 357 -56.61 17.68 -7.03
C ASN A 357 -56.45 16.27 -7.58
N GLY A 358 -56.08 16.15 -8.86
CA GLY A 358 -55.89 14.83 -9.43
C GLY A 358 -54.76 14.06 -8.77
N VAL A 359 -53.61 14.72 -8.58
CA VAL A 359 -52.49 14.03 -7.95
C VAL A 359 -52.78 13.76 -6.47
N ALA A 360 -53.55 14.64 -5.82
CA ALA A 360 -53.93 14.38 -4.43
C ALA A 360 -54.82 13.16 -4.35
N ASP A 361 -55.74 13.00 -5.30
CA ASP A 361 -56.55 11.79 -5.35
C ASP A 361 -55.66 10.56 -5.55
N TYR A 362 -54.64 10.68 -6.41
CA TYR A 362 -53.73 9.55 -6.59
C TYR A 362 -53.02 9.20 -5.28
N CYS A 363 -52.36 10.18 -4.66
CA CYS A 363 -51.58 9.91 -3.46
C CYS A 363 -52.45 9.43 -2.31
N LEU A 364 -53.71 9.86 -2.25
CA LEU A 364 -54.62 9.32 -1.24
C LEU A 364 -55.05 7.90 -1.60
N THR A 365 -55.17 7.61 -2.89
CA THR A 365 -55.52 6.26 -3.32
C THR A 365 -54.40 5.27 -3.02
N HIS A 366 -53.14 5.68 -3.21
CA HIS A 366 -51.99 4.80 -3.10
C HIS A 366 -51.11 5.15 -1.90
N LYS A 367 -51.72 5.72 -0.86
CA LYS A 367 -51.06 6.02 0.41
C LYS A 367 -49.65 6.57 0.21
N SER A 368 -49.54 7.54 -0.68
CA SER A 368 -48.29 8.23 -0.95
C SER A 368 -48.35 9.68 -0.47
N LYS A 369 -47.20 10.36 -0.54
CA LYS A 369 -47.07 11.76 -0.16
C LYS A 369 -47.00 12.62 -1.42
N ILE A 370 -47.64 13.79 -1.37
CA ILE A 370 -47.90 14.54 -2.59
C ILE A 370 -46.62 15.08 -3.21
N ASN A 371 -45.73 15.64 -2.40
CA ASN A 371 -44.51 16.22 -2.97
C ASN A 371 -43.65 15.18 -3.67
N ASP A 372 -43.91 13.89 -3.44
CA ASP A 372 -43.19 12.86 -4.18
C ASP A 372 -43.57 12.83 -5.64
N PHE A 373 -44.74 13.37 -5.99
CA PHE A 373 -45.25 13.33 -7.36
C PHE A 373 -45.53 14.69 -7.97
N LEU A 374 -45.66 15.75 -7.18
CA LEU A 374 -46.07 17.06 -7.67
C LEU A 374 -45.16 18.14 -7.12
N THR A 375 -44.67 19.00 -8.00
CA THR A 375 -43.88 20.18 -7.67
C THR A 375 -44.57 21.38 -8.31
N LEU A 376 -44.93 22.37 -7.50
CA LEU A 376 -45.72 23.49 -7.99
C LEU A 376 -44.84 24.73 -8.07
N MET A 377 -45.30 25.68 -8.88
CA MET A 377 -44.54 26.89 -9.21
C MET A 377 -45.49 28.07 -9.27
N PRO A 378 -46.17 28.37 -8.16
CA PRO A 378 -47.21 29.40 -8.18
C PRO A 378 -46.65 30.81 -8.25
N PHE A 379 -47.56 31.75 -8.50
CA PHE A 379 -47.26 33.18 -8.65
C PHE A 379 -48.23 33.94 -7.76
N PRO A 380 -47.82 34.35 -6.56
CA PRO A 380 -48.76 35.00 -5.63
C PRO A 380 -49.24 36.35 -6.13
N GLN A 381 -50.28 36.85 -5.46
CA GLN A 381 -50.90 38.12 -5.83
C GLN A 381 -50.21 39.30 -5.15
N ASN A 382 -49.86 39.15 -3.87
CA ASN A 382 -49.26 40.22 -3.08
C ASN A 382 -47.94 39.74 -2.48
N SER A 383 -46.86 40.47 -2.77
CA SER A 383 -45.56 40.19 -2.18
C SER A 383 -45.67 40.08 -0.67
N SER A 384 -44.91 39.14 -0.10
CA SER A 384 -45.06 38.78 1.30
C SER A 384 -44.95 39.97 2.24
N LEU A 385 -43.93 40.79 2.05
CA LEU A 385 -43.82 42.02 2.84
C LEU A 385 -43.10 43.10 2.03
N GLY A 386 -43.59 43.35 0.82
CA GLY A 386 -43.11 44.46 0.03
C GLY A 386 -41.82 44.30 -0.75
N ILE A 387 -41.69 43.27 -1.58
CA ILE A 387 -40.50 43.11 -2.41
C ILE A 387 -40.89 42.53 -3.76
N ASP A 388 -40.23 43.00 -4.81
CA ASP A 388 -40.47 42.52 -6.17
C ASP A 388 -39.90 41.12 -6.34
N LEU A 389 -40.68 40.23 -6.97
CA LEU A 389 -40.29 38.83 -7.11
C LEU A 389 -40.24 38.32 -8.54
N ASP A 390 -40.42 39.18 -9.55
CA ASP A 390 -40.53 38.71 -10.93
C ASP A 390 -39.26 38.00 -11.37
N LYS A 391 -38.10 38.62 -11.13
CA LYS A 391 -36.82 38.03 -11.54
C LYS A 391 -36.57 36.71 -10.81
N LEU A 392 -36.75 36.70 -9.50
CA LEU A 392 -36.54 35.48 -8.72
C LEU A 392 -37.49 34.38 -9.19
N TYR A 393 -38.74 34.74 -9.47
CA TYR A 393 -39.71 33.75 -9.93
C TYR A 393 -39.26 33.13 -11.25
N LYS A 394 -38.84 33.95 -12.20
CA LYS A 394 -38.43 33.41 -13.50
C LYS A 394 -37.13 32.61 -13.39
N GLU A 395 -36.24 32.97 -12.47
CA GLU A 395 -35.02 32.18 -12.30
C GLU A 395 -35.35 30.79 -11.78
N ASN A 396 -36.17 30.72 -10.72
CA ASN A 396 -36.66 29.44 -10.25
C ASN A 396 -37.33 28.68 -11.39
N ARG A 397 -38.09 29.38 -12.23
CA ARG A 397 -38.81 28.74 -13.33
C ARG A 397 -37.85 28.12 -14.35
N GLU A 398 -36.84 28.87 -14.78
CA GLU A 398 -35.92 28.33 -15.77
C GLU A 398 -35.18 27.11 -15.21
N GLN A 399 -34.79 27.17 -13.94
CA GLN A 399 -34.13 26.00 -13.34
C GLN A 399 -35.11 24.82 -13.23
N MET A 400 -36.37 25.10 -12.92
CA MET A 400 -37.37 24.04 -12.83
C MET A 400 -37.60 23.39 -14.19
N ILE A 401 -37.62 24.18 -15.26
CA ILE A 401 -37.84 23.64 -16.59
C ILE A 401 -36.61 22.84 -17.03
N GLU A 402 -35.41 23.28 -16.63
CA GLU A 402 -34.21 22.51 -16.93
C GLU A 402 -34.22 21.16 -16.21
N SER A 403 -35.07 20.99 -15.19
CA SER A 403 -35.23 19.69 -14.55
C SER A 403 -36.24 18.79 -15.27
N CYS A 404 -37.07 19.34 -16.14
CA CYS A 404 -38.04 18.57 -16.89
C CYS A 404 -37.49 18.19 -18.26
N GLY A 405 -38.04 17.11 -18.82
CA GLY A 405 -37.61 16.63 -20.11
C GLY A 405 -38.70 16.66 -21.16
N ILE A 406 -39.95 16.81 -20.70
CA ILE A 406 -41.11 16.91 -21.56
C ILE A 406 -41.90 18.13 -21.11
N ALA A 407 -42.50 18.84 -22.05
CA ALA A 407 -43.34 20.01 -21.75
C ALA A 407 -44.67 19.82 -22.44
N ILE A 408 -45.75 19.75 -21.65
CA ILE A 408 -47.10 19.59 -22.15
C ILE A 408 -47.83 20.92 -21.99
N PHE A 409 -48.48 21.38 -23.05
CA PHE A 409 -49.20 22.64 -23.05
C PHE A 409 -50.69 22.38 -23.20
N LEU A 410 -51.50 23.13 -22.45
CA LEU A 410 -52.95 22.96 -22.46
C LEU A 410 -53.63 24.32 -22.37
N PHE A 411 -54.78 24.43 -23.04
CA PHE A 411 -55.64 25.62 -23.03
C PHE A 411 -54.75 26.85 -23.23
N GLY A 412 -54.82 27.87 -22.37
CA GLY A 412 -54.09 29.10 -22.61
C GLY A 412 -55.00 30.26 -23.01
N ASN A 413 -55.98 30.56 -22.14
CA ASN A 413 -56.95 31.61 -22.39
C ASN A 413 -57.21 32.35 -21.09
N LYS A 414 -57.62 33.60 -21.21
CA LYS A 414 -57.91 34.45 -20.06
C LYS A 414 -59.28 35.09 -20.27
N GLU A 415 -59.56 36.15 -19.50
CA GLU A 415 -60.85 36.81 -19.55
C GLU A 415 -61.21 37.22 -20.98
N ALA A 416 -60.26 37.77 -21.72
CA ALA A 416 -60.47 38.12 -23.12
C ALA A 416 -59.31 37.71 -24.02
N GLU A 417 -58.32 36.98 -23.50
CA GLU A 417 -57.11 36.67 -24.25
C GLU A 417 -57.29 35.29 -24.89
N ASP A 418 -57.47 35.28 -26.21
CA ASP A 418 -57.52 34.03 -26.95
C ASP A 418 -56.19 33.28 -26.84
N ILE A 419 -55.07 34.02 -26.82
CA ILE A 419 -53.74 33.44 -26.72
C ILE A 419 -53.12 33.95 -25.41
N ALA A 420 -53.24 33.15 -24.35
CA ALA A 420 -52.72 33.55 -23.04
C ALA A 420 -51.25 33.91 -23.11
N SER A 421 -50.87 34.95 -22.34
CA SER A 421 -49.54 35.53 -22.48
C SER A 421 -48.44 34.56 -22.04
N GLY A 422 -48.55 34.00 -20.84
CA GLY A 422 -47.47 33.18 -20.31
C GLY A 422 -47.16 31.94 -21.13
N VAL A 423 -48.20 31.33 -21.72
CA VAL A 423 -48.06 30.01 -22.33
C VAL A 423 -47.15 30.05 -23.56
N MET A 424 -47.29 31.07 -24.41
CA MET A 424 -46.47 31.15 -25.62
C MET A 424 -44.99 31.32 -25.28
N ASP A 425 -44.69 32.23 -24.37
CA ASP A 425 -43.31 32.40 -23.92
C ASP A 425 -42.80 31.10 -23.29
N GLU A 426 -43.69 30.33 -22.64
CA GLU A 426 -43.25 29.05 -22.09
C GLU A 426 -42.96 28.04 -23.20
N TYR A 427 -43.63 28.17 -24.35
CA TYR A 427 -43.24 27.32 -25.49
C TYR A 427 -41.82 27.67 -25.93
N GLU A 428 -41.54 28.96 -26.10
CA GLU A 428 -40.18 29.35 -26.44
C GLU A 428 -39.18 28.94 -25.36
N LEU A 429 -39.59 28.95 -24.09
CA LEU A 429 -38.69 28.57 -23.01
C LEU A 429 -38.38 27.08 -23.01
N SER A 430 -39.40 26.24 -23.24
CA SER A 430 -39.14 24.81 -23.38
C SER A 430 -38.27 24.55 -24.60
N LYS A 431 -38.47 25.32 -25.67
CA LYS A 431 -37.61 25.20 -26.86
C LYS A 431 -36.19 25.63 -26.54
N LYS A 432 -36.01 26.56 -25.61
CA LYS A 432 -34.67 26.98 -25.22
C LYS A 432 -33.94 25.84 -24.49
N HIS A 433 -34.62 25.18 -23.56
CA HIS A 433 -34.02 24.13 -22.75
C HIS A 433 -34.12 22.75 -23.42
N GLY A 434 -34.52 22.70 -24.68
CA GLY A 434 -34.52 21.44 -25.41
C GLY A 434 -35.52 20.41 -24.94
N LEU A 435 -36.59 20.83 -24.27
CA LEU A 435 -37.62 19.90 -23.84
C LEU A 435 -38.42 19.40 -25.05
N VAL A 436 -38.87 18.15 -24.97
CA VAL A 436 -39.79 17.62 -25.97
C VAL A 436 -41.15 18.28 -25.78
N CYS A 437 -41.59 19.04 -26.79
CA CYS A 437 -42.82 19.81 -26.68
C CYS A 437 -43.99 18.96 -27.17
N LEU A 438 -45.00 18.81 -26.31
CA LEU A 438 -46.17 17.97 -26.56
C LEU A 438 -47.44 18.77 -26.28
N PRO A 439 -47.79 19.70 -27.15
CA PRO A 439 -49.06 20.43 -27.00
C PRO A 439 -50.26 19.64 -27.47
N ILE A 440 -51.43 20.00 -26.92
CA ILE A 440 -52.70 19.35 -27.23
C ILE A 440 -53.57 20.31 -28.02
N GLU A 441 -53.99 19.88 -29.21
CA GLU A 441 -54.75 20.75 -30.10
C GLU A 441 -56.18 20.94 -29.62
N TYR A 442 -56.86 19.86 -29.21
CA TYR A 442 -58.28 19.92 -28.91
C TYR A 442 -58.60 20.59 -27.58
N THR A 443 -57.66 21.41 -27.07
CA THR A 443 -57.90 22.28 -25.93
C THR A 443 -58.04 23.75 -26.33
N GLY A 444 -57.53 24.14 -27.49
CA GLY A 444 -57.63 25.50 -27.96
C GLY A 444 -56.60 26.42 -27.33
N GLY A 445 -56.83 27.71 -27.54
CA GLY A 445 -55.99 28.75 -26.97
C GLY A 445 -54.53 28.75 -27.43
N ALA A 446 -53.72 29.36 -26.57
CA ALA A 446 -52.28 29.41 -26.83
C ALA A 446 -51.72 28.01 -27.02
N SER A 447 -52.34 27.01 -26.38
CA SER A 447 -51.94 25.64 -26.60
C SER A 447 -52.09 25.26 -28.07
N LYS A 448 -53.21 25.63 -28.69
CA LYS A 448 -53.39 25.29 -30.09
C LYS A 448 -52.49 26.10 -31.01
N GLU A 449 -52.22 27.36 -30.68
CA GLU A 449 -51.24 28.09 -31.50
C GLU A 449 -49.86 27.44 -31.42
N ILE A 450 -49.47 26.99 -30.22
CA ILE A 450 -48.20 26.30 -30.06
C ILE A 450 -48.23 24.97 -30.81
N TYR A 451 -49.39 24.31 -30.83
CA TYR A 451 -49.52 23.07 -31.60
C TYR A 451 -49.30 23.35 -33.08
N ASP A 452 -49.93 24.39 -33.61
CA ASP A 452 -49.77 24.74 -35.02
C ASP A 452 -48.33 25.12 -35.34
N GLN A 453 -47.60 25.67 -34.36
CA GLN A 453 -46.21 26.03 -34.61
C GLN A 453 -45.28 24.82 -34.51
N THR A 454 -45.45 24.00 -33.48
CA THR A 454 -44.51 22.92 -33.20
C THR A 454 -44.59 21.81 -34.24
N THR A 455 -45.81 21.48 -34.69
CA THR A 455 -45.94 20.37 -35.64
C THR A 455 -45.18 20.64 -36.93
N GLN A 456 -44.98 21.91 -37.28
CA GLN A 456 -44.22 22.29 -38.46
C GLN A 456 -42.74 22.54 -38.18
N GLU A 457 -42.32 22.54 -36.91
CA GLU A 457 -40.96 22.91 -36.53
C GLU A 457 -40.19 21.74 -35.91
N ILE A 458 -40.52 20.51 -36.30
CA ILE A 458 -39.89 19.31 -35.77
C ILE A 458 -39.35 18.46 -36.91
N SER A 459 -38.44 17.55 -36.56
CA SER A 459 -37.83 16.63 -37.52
C SER A 459 -37.60 15.23 -36.98
N ASP A 460 -37.76 14.99 -35.67
CA ASP A 460 -37.44 13.70 -35.10
C ASP A 460 -38.60 12.73 -35.26
N LYS A 461 -38.28 11.48 -35.59
CA LYS A 461 -39.31 10.47 -35.80
C LYS A 461 -40.03 10.15 -34.50
N ASN A 462 -39.27 9.90 -33.43
CA ASN A 462 -39.88 9.54 -32.15
C ASN A 462 -40.77 10.67 -31.62
N THR A 463 -40.26 11.91 -31.68
CA THR A 463 -41.05 13.04 -31.20
C THR A 463 -42.35 13.18 -31.99
N ILE A 464 -42.25 13.08 -33.32
CA ILE A 464 -43.43 13.21 -34.17
C ILE A 464 -44.42 12.08 -33.90
N SER A 465 -43.91 10.86 -33.71
CA SER A 465 -44.78 9.72 -33.44
C SER A 465 -45.52 9.90 -32.12
N ALA A 466 -44.83 10.38 -31.08
CA ALA A 466 -45.49 10.62 -29.81
C ALA A 466 -46.51 11.74 -29.91
N ILE A 467 -46.18 12.81 -30.66
CA ILE A 467 -47.14 13.90 -30.83
C ILE A 467 -48.40 13.40 -31.52
N GLU A 468 -48.24 12.56 -32.54
CA GLU A 468 -49.40 11.97 -33.21
C GLU A 468 -50.19 11.11 -32.23
N GLN A 469 -49.51 10.28 -31.43
CA GLN A 469 -50.20 9.45 -30.46
C GLN A 469 -50.97 10.31 -29.44
N ALA A 470 -50.52 11.54 -29.22
CA ALA A 470 -51.16 12.39 -28.22
C ALA A 470 -52.35 13.17 -28.78
N ASN A 471 -52.27 13.68 -30.01
CA ASN A 471 -53.34 14.51 -30.52
C ASN A 471 -54.46 13.73 -31.20
N LYS A 472 -54.39 12.39 -31.22
CA LYS A 472 -55.54 11.60 -31.64
C LYS A 472 -56.73 11.94 -30.74
N GLN A 473 -57.93 11.51 -31.15
CA GLN A 473 -59.07 11.84 -30.31
C GLN A 473 -60.27 10.94 -30.57
N CYS A 474 -61.01 10.66 -29.50
CA CYS A 474 -62.40 10.25 -29.62
C CYS A 474 -63.36 11.40 -29.28
N ASP A 475 -62.94 12.31 -28.38
CA ASP A 475 -63.61 13.56 -28.01
C ASP A 475 -64.17 13.45 -26.59
N GLY A 476 -65.49 13.56 -26.44
CA GLY A 476 -66.07 13.58 -25.11
C GLY A 476 -65.57 12.44 -24.25
N ASP A 477 -65.32 11.28 -24.85
CA ASP A 477 -64.65 10.22 -24.12
C ASP A 477 -63.29 10.74 -23.68
N ILE A 478 -63.10 10.92 -22.38
CA ILE A 478 -61.88 11.53 -21.89
C ILE A 478 -60.81 10.46 -21.67
N ASP A 479 -61.21 9.23 -21.36
CA ASP A 479 -60.26 8.15 -21.20
C ASP A 479 -59.41 8.00 -22.46
N MET A 480 -60.03 8.11 -23.64
CA MET A 480 -59.25 8.04 -24.88
C MET A 480 -58.23 9.17 -24.94
N SER A 481 -58.58 10.35 -24.46
CA SER A 481 -57.66 11.49 -24.46
C SER A 481 -56.50 11.24 -23.49
N VAL A 482 -56.83 10.78 -22.28
CA VAL A 482 -55.82 10.51 -21.26
C VAL A 482 -54.88 9.41 -21.73
N LYS A 483 -55.44 8.37 -22.36
CA LYS A 483 -54.62 7.33 -22.96
C LYS A 483 -53.66 7.92 -23.96
N ASN A 484 -54.21 8.53 -25.02
CA ASN A 484 -53.37 9.19 -26.02
C ASN A 484 -52.17 9.89 -25.38
N ILE A 485 -52.43 10.70 -24.35
CA ILE A 485 -51.34 11.49 -23.77
C ILE A 485 -50.34 10.62 -23.02
N VAL A 486 -50.83 9.68 -22.20
CA VAL A 486 -49.94 8.85 -21.39
C VAL A 486 -49.08 7.96 -22.29
N GLN A 487 -49.69 7.33 -23.29
CA GLN A 487 -48.95 6.50 -24.23
C GLN A 487 -47.96 7.33 -25.04
N ALA A 488 -48.29 8.59 -25.36
CA ALA A 488 -47.29 9.45 -26.01
C ALA A 488 -46.08 9.67 -25.11
N VAL A 489 -46.31 9.79 -23.80
CA VAL A 489 -45.21 9.94 -22.86
C VAL A 489 -44.34 8.68 -22.87
N LYS A 490 -44.98 7.52 -22.72
CA LYS A 490 -44.21 6.28 -22.72
C LYS A 490 -43.43 6.10 -24.02
N ILE A 491 -43.99 6.57 -25.14
CA ILE A 491 -43.25 6.50 -26.40
C ILE A 491 -41.98 7.33 -26.30
N LEU A 492 -42.08 8.50 -25.65
CA LEU A 492 -40.87 9.32 -25.54
C LEU A 492 -39.85 8.73 -24.58
N ASN A 493 -40.24 7.79 -23.70
CA ASN A 493 -39.27 7.20 -22.78
C ASN A 493 -38.60 5.91 -23.27
N LYS A 494 -39.01 5.35 -24.41
CA LYS A 494 -38.38 4.10 -24.87
C LYS A 494 -36.94 4.30 -25.30
N PHE B 26 28.88 11.24 5.91
CA PHE B 26 28.69 10.92 7.32
C PHE B 26 28.11 12.13 8.07
N ILE B 27 27.49 13.05 7.33
CA ILE B 27 26.70 14.13 7.92
C ILE B 27 25.35 14.27 7.21
N ILE B 28 25.20 13.66 6.03
CA ILE B 28 23.87 13.51 5.46
C ILE B 28 22.99 12.84 6.51
N LYS B 29 21.77 13.32 6.67
CA LYS B 29 20.94 12.80 7.75
C LYS B 29 20.68 11.32 7.54
N GLY B 30 20.89 10.53 8.59
CA GLY B 30 20.73 9.10 8.53
C GLY B 30 21.98 8.36 8.11
N GLU B 31 23.03 9.06 7.69
CA GLU B 31 24.29 8.44 7.36
C GLU B 31 25.13 8.25 8.61
N VAL B 32 25.87 7.14 8.65
CA VAL B 32 26.72 6.79 9.78
C VAL B 32 28.01 6.17 9.26
N SER B 33 29.05 6.23 10.10
CA SER B 33 30.34 5.65 9.78
C SER B 33 30.37 4.17 10.13
N ARG B 34 31.38 3.47 9.59
CA ARG B 34 31.54 2.06 9.88
C ARG B 34 31.71 1.81 11.38
N LYS B 35 32.46 2.69 12.05
CA LYS B 35 32.66 2.51 13.49
C LYS B 35 31.39 2.81 14.27
N ASP B 36 30.61 3.80 13.83
CA ASP B 36 29.30 4.04 14.46
C ASP B 36 28.41 2.81 14.35
N LEU B 37 28.30 2.27 13.13
CA LEU B 37 27.50 1.08 12.89
C LEU B 37 27.93 -0.04 13.82
N ILE B 38 29.24 -0.32 13.86
CA ILE B 38 29.73 -1.43 14.67
C ILE B 38 29.43 -1.20 16.15
N ARG B 39 29.60 0.05 16.63
CA ARG B 39 29.34 0.32 18.04
C ARG B 39 27.89 0.00 18.41
N GLU B 40 26.94 0.53 17.63
CA GLU B 40 25.54 0.31 17.97
C GLU B 40 25.15 -1.16 17.81
N ILE B 41 25.67 -1.82 16.77
CA ILE B 41 25.40 -3.23 16.59
C ILE B 41 25.92 -4.03 17.79
N GLU B 42 27.09 -3.66 18.30
CA GLU B 42 27.66 -4.35 19.45
C GLU B 42 26.86 -4.08 20.71
N LYS B 43 26.17 -2.94 20.79
CA LYS B 43 25.22 -2.76 21.88
C LYS B 43 24.07 -3.75 21.75
N ALA B 44 23.50 -3.86 20.55
CA ALA B 44 22.39 -4.80 20.36
C ALA B 44 22.83 -6.23 20.68
N ILE B 45 24.06 -6.59 20.32
CA ILE B 45 24.57 -7.92 20.64
C ILE B 45 24.77 -8.08 22.14
N LYS B 46 25.32 -7.06 22.79
CA LYS B 46 25.55 -7.10 24.24
C LYS B 46 24.26 -7.24 25.02
N SER B 47 23.12 -6.90 24.42
CA SER B 47 21.83 -6.97 25.08
C SER B 47 20.89 -7.99 24.44
N ASP B 48 21.41 -8.88 23.59
CA ASP B 48 20.62 -9.92 22.93
C ASP B 48 19.43 -9.33 22.18
N GLU B 49 19.52 -8.06 21.78
CA GLU B 49 18.45 -7.37 21.06
C GLU B 49 18.72 -7.30 19.56
N LEU B 50 19.55 -8.17 19.02
CA LEU B 50 19.98 -8.09 17.63
C LEU B 50 19.17 -9.04 16.76
N GLY B 51 18.58 -8.50 15.69
CA GLY B 51 17.94 -9.30 14.68
C GLY B 51 18.38 -8.87 13.30
N ALA B 52 18.03 -9.68 12.30
CA ALA B 52 18.47 -9.42 10.94
C ALA B 52 17.27 -9.37 9.99
N PHE B 53 17.28 -8.38 9.09
CA PHE B 53 16.27 -8.22 8.06
C PHE B 53 17.00 -8.21 6.72
N ILE B 54 16.63 -9.14 5.84
CA ILE B 54 17.41 -9.44 4.63
C ILE B 54 16.47 -9.50 3.43
N GLY B 55 17.02 -9.18 2.25
CA GLY B 55 16.23 -9.15 1.04
C GLY B 55 16.88 -9.82 -0.14
N ALA B 56 16.49 -9.42 -1.36
CA ALA B 56 17.00 -10.07 -2.56
C ALA B 56 18.46 -9.71 -2.83
N GLY B 57 18.90 -8.53 -2.42
CA GLY B 57 20.26 -8.09 -2.70
C GLY B 57 21.34 -8.98 -2.11
N LEU B 58 20.98 -9.83 -1.17
CA LEU B 58 21.95 -10.72 -0.52
C LEU B 58 22.00 -12.10 -1.16
N SER B 59 20.96 -12.49 -1.90
CA SER B 59 20.91 -13.78 -2.56
C SER B 59 21.29 -13.71 -4.04
N ILE B 60 21.17 -12.54 -4.66
CA ILE B 60 21.57 -12.41 -6.06
C ILE B 60 23.05 -12.75 -6.25
N PRO B 61 23.97 -12.27 -5.42
CA PRO B 61 25.38 -12.69 -5.57
C PRO B 61 25.59 -14.18 -5.43
N ALA B 62 24.67 -14.90 -4.78
CA ALA B 62 24.81 -16.34 -4.64
C ALA B 62 24.55 -17.09 -5.95
N GLY B 63 23.78 -16.49 -6.86
CA GLY B 63 23.54 -17.09 -8.15
C GLY B 63 22.12 -16.96 -8.66
N PHE B 64 21.26 -16.28 -7.89
CA PHE B 64 19.86 -16.15 -8.25
C PHE B 64 19.63 -14.95 -9.15
N CYS B 65 18.50 -14.97 -9.85
CA CYS B 65 18.19 -14.00 -10.89
C CYS B 65 17.49 -12.78 -10.32
N SER B 66 17.95 -11.60 -10.71
CA SER B 66 17.21 -10.38 -10.43
C SER B 66 15.82 -10.48 -11.05
N TRP B 67 14.88 -9.72 -10.50
CA TRP B 67 13.51 -9.83 -10.98
C TRP B 67 13.35 -9.24 -12.38
N LYS B 68 14.16 -8.24 -12.73
CA LYS B 68 14.14 -7.66 -14.06
C LYS B 68 14.31 -8.74 -15.14
N GLU B 69 15.40 -9.50 -15.04
CA GLU B 69 15.65 -10.55 -16.03
C GLU B 69 14.63 -11.67 -15.90
N LEU B 70 14.27 -12.01 -14.67
CA LEU B 70 13.29 -13.07 -14.45
C LEU B 70 11.96 -12.75 -15.13
N LEU B 71 11.63 -11.46 -15.24
CA LEU B 71 10.39 -11.04 -15.88
C LEU B 71 10.58 -10.62 -17.34
N ARG B 72 11.82 -10.66 -17.85
CA ARG B 72 12.04 -10.30 -19.24
C ARG B 72 11.25 -11.19 -20.20
N GLU B 73 11.53 -12.51 -20.18
CA GLU B 73 10.80 -13.41 -21.06
C GLU B 73 9.30 -13.40 -20.76
N PRO B 74 8.85 -13.46 -19.50
CA PRO B 74 7.41 -13.28 -19.24
C PRO B 74 6.86 -12.00 -19.82
N ALA B 75 7.56 -10.88 -19.67
CA ALA B 75 7.11 -9.62 -20.26
C ALA B 75 6.91 -9.77 -21.76
N GLU B 76 7.88 -10.38 -22.45
CA GLU B 76 7.75 -10.63 -23.89
C GLU B 76 6.61 -11.60 -24.18
N GLU B 77 6.30 -12.50 -23.25
CA GLU B 77 5.24 -13.49 -23.44
C GLU B 77 3.85 -12.88 -23.44
N ILE B 78 3.70 -11.60 -23.08
CA ILE B 78 2.40 -10.92 -23.15
C ILE B 78 2.42 -9.70 -24.06
N GLY B 79 3.56 -9.39 -24.67
CA GLY B 79 3.63 -8.27 -25.59
C GLY B 79 4.10 -6.97 -24.99
N LEU B 80 4.85 -7.01 -23.90
CA LEU B 80 5.40 -5.82 -23.25
C LEU B 80 6.90 -6.01 -23.06
N ASP B 81 7.64 -4.90 -23.07
CA ASP B 81 9.09 -4.92 -22.92
C ASP B 81 9.42 -4.55 -21.48
N VAL B 82 10.20 -5.41 -20.82
CA VAL B 82 10.58 -5.18 -19.43
C VAL B 82 11.43 -3.92 -19.29
N GLU B 83 12.11 -3.50 -20.36
CA GLU B 83 12.91 -2.29 -20.32
C GLU B 83 12.05 -1.03 -20.26
N LYS B 84 10.78 -1.12 -20.67
CA LYS B 84 9.89 0.02 -20.73
C LYS B 84 9.01 0.18 -19.49
N GLU B 85 8.93 -0.82 -18.62
CA GLU B 85 8.05 -0.81 -17.47
C GLU B 85 8.79 -0.36 -16.21
N SER B 86 8.27 0.67 -15.56
CA SER B 86 8.90 1.21 -14.36
C SER B 86 8.56 0.40 -13.12
N ASP B 87 7.36 -0.19 -13.07
CA ASP B 87 6.89 -0.93 -11.90
C ASP B 87 6.76 -2.41 -12.25
N LEU B 88 7.75 -3.21 -11.84
CA LEU B 88 7.71 -4.63 -12.14
C LEU B 88 6.62 -5.37 -11.36
N VAL B 89 6.15 -4.82 -10.25
CA VAL B 89 5.08 -5.46 -9.49
C VAL B 89 3.79 -5.47 -10.31
N ASN B 90 3.45 -4.32 -10.90
CA ASN B 90 2.30 -4.26 -11.80
C ASN B 90 2.49 -5.15 -13.01
N LEU B 91 3.74 -5.31 -13.46
CA LEU B 91 4.03 -6.20 -14.58
C LEU B 91 3.71 -7.65 -14.21
N ALA B 92 4.18 -8.10 -13.04
CA ALA B 92 3.85 -9.44 -12.59
C ALA B 92 2.35 -9.62 -12.45
N GLN B 93 1.63 -8.57 -12.04
CA GLN B 93 0.18 -8.67 -11.95
C GLN B 93 -0.45 -8.88 -13.33
N TYR B 94 -0.11 -8.02 -14.30
CA TYR B 94 -0.66 -8.19 -15.64
C TYR B 94 -0.33 -9.57 -16.19
N TYR B 95 0.90 -10.05 -15.95
CA TYR B 95 1.27 -11.38 -16.41
C TYR B 95 0.40 -12.45 -15.77
N SER B 96 0.20 -12.37 -14.45
CA SER B 96 -0.65 -13.34 -13.77
C SER B 96 -2.08 -13.31 -14.32
N ASN B 97 -2.52 -12.14 -14.80
CA ASN B 97 -3.85 -12.06 -15.39
C ASN B 97 -3.89 -12.74 -16.75
N SER B 98 -2.97 -12.38 -17.65
CA SER B 98 -3.02 -12.93 -19.01
C SER B 98 -2.63 -14.41 -19.02
N LYS B 99 -1.47 -14.74 -18.46
CA LYS B 99 -1.07 -16.13 -18.24
C LYS B 99 -1.40 -16.47 -16.79
N LYS B 100 -2.16 -17.54 -16.58
CA LYS B 100 -2.77 -17.79 -15.28
C LYS B 100 -1.70 -17.85 -14.18
N ARG B 101 -2.13 -17.58 -12.95
CA ARG B 101 -1.23 -17.51 -11.80
C ARG B 101 -0.20 -18.64 -11.80
N THR B 102 -0.61 -19.85 -12.19
CA THR B 102 0.31 -20.98 -12.17
C THR B 102 1.60 -20.66 -12.90
N SER B 103 1.50 -19.89 -13.99
CA SER B 103 2.68 -19.60 -14.81
C SER B 103 3.70 -18.73 -14.07
N ILE B 104 3.30 -18.03 -13.01
CA ILE B 104 4.28 -17.38 -12.14
C ILE B 104 4.79 -18.34 -11.06
N ASP B 105 3.90 -19.19 -10.53
CA ASP B 105 4.38 -20.23 -9.62
C ASP B 105 5.48 -21.04 -10.28
N ASP B 106 5.25 -21.47 -11.52
CA ASP B 106 6.26 -22.21 -12.26
C ASP B 106 7.51 -21.39 -12.47
N LEU B 107 7.36 -20.07 -12.57
CA LEU B 107 8.53 -19.20 -12.71
C LEU B 107 9.32 -19.18 -11.41
N ILE B 108 8.64 -19.10 -10.27
CA ILE B 108 9.35 -19.09 -8.99
C ILE B 108 9.79 -20.49 -8.59
N LYS B 109 8.91 -21.48 -8.75
CA LYS B 109 9.29 -22.87 -8.49
C LYS B 109 10.57 -23.24 -9.21
N GLY B 110 10.80 -22.65 -10.38
CA GLY B 110 11.93 -22.97 -11.22
C GLY B 110 13.15 -22.15 -10.87
N GLN B 111 13.07 -20.84 -11.12
CA GLN B 111 14.23 -19.98 -11.09
C GLN B 111 14.66 -19.57 -9.68
N PHE B 112 14.00 -20.10 -8.63
CA PHE B 112 14.42 -19.85 -7.27
C PHE B 112 14.73 -21.10 -6.46
N SER B 113 14.40 -22.29 -6.97
CA SER B 113 14.76 -23.56 -6.35
C SER B 113 16.13 -24.06 -6.79
N GLN B 114 16.96 -23.17 -7.32
CA GLN B 114 18.27 -23.54 -7.83
C GLN B 114 19.17 -24.12 -6.73
N LEU B 115 19.94 -25.15 -7.12
CA LEU B 115 20.85 -25.83 -6.19
C LEU B 115 22.09 -24.95 -5.97
N VAL B 116 21.89 -23.88 -5.21
CA VAL B 116 22.93 -22.88 -4.96
C VAL B 116 23.43 -22.97 -3.52
N LYS B 117 24.74 -22.73 -3.33
CA LYS B 117 25.37 -22.67 -2.02
C LYS B 117 25.19 -21.27 -1.42
N PRO B 118 25.01 -21.17 -0.10
CA PRO B 118 24.99 -19.84 0.54
C PRO B 118 26.32 -19.11 0.37
N THR B 119 26.27 -17.79 0.55
CA THR B 119 27.44 -16.95 0.44
C THR B 119 28.18 -16.89 1.78
N GLU B 120 29.37 -16.28 1.77
CA GLU B 120 30.11 -16.08 3.01
C GLU B 120 29.35 -15.16 3.97
N ASN B 121 28.64 -14.17 3.43
CA ASN B 121 27.81 -13.32 4.27
C ASN B 121 26.79 -14.14 5.06
N HIS B 122 26.19 -15.14 4.40
CA HIS B 122 25.21 -16.00 5.07
C HIS B 122 25.86 -16.78 6.21
N LYS B 123 27.07 -17.29 6.00
CA LYS B 123 27.75 -18.03 7.07
C LYS B 123 28.11 -17.11 8.23
N LEU B 124 28.59 -15.90 7.93
CA LEU B 124 28.91 -14.97 9.01
C LEU B 124 27.66 -14.60 9.80
N LEU B 125 26.53 -14.41 9.12
CA LEU B 125 25.29 -14.15 9.82
C LEU B 125 24.87 -15.33 10.69
N SER B 126 25.12 -16.55 10.23
CA SER B 126 24.81 -17.73 11.05
C SER B 126 25.69 -17.78 12.29
N GLN B 127 26.95 -17.37 12.17
CA GLN B 127 27.87 -17.39 13.32
C GLN B 127 27.56 -16.33 14.36
N LEU B 128 26.83 -15.28 13.99
CA LEU B 128 26.50 -14.22 14.92
C LEU B 128 25.36 -14.64 15.84
N PRO B 129 25.16 -13.92 16.97
CA PRO B 129 24.09 -14.27 17.93
C PRO B 129 22.74 -13.69 17.50
N ILE B 130 22.33 -13.99 16.27
CA ILE B 130 21.08 -13.51 15.71
C ILE B 130 20.04 -14.63 15.85
N SER B 131 19.00 -14.37 16.63
CA SER B 131 17.96 -15.34 16.87
C SER B 131 16.72 -15.10 16.01
N THR B 132 16.51 -13.89 15.51
CA THR B 132 15.35 -13.54 14.72
C THR B 132 15.76 -13.03 13.35
N PHE B 133 15.28 -13.70 12.30
CA PHE B 133 15.55 -13.35 10.91
C PHE B 133 14.23 -13.11 10.18
N TRP B 134 14.13 -11.97 9.50
CA TRP B 134 13.01 -11.66 8.63
C TRP B 134 13.54 -11.42 7.22
N THR B 135 12.88 -12.00 6.21
CA THR B 135 13.35 -11.86 4.84
C THR B 135 12.19 -11.80 3.87
N THR B 136 12.40 -11.07 2.77
CA THR B 136 11.41 -10.98 1.70
C THR B 136 11.73 -11.84 0.48
N ASN B 137 12.95 -12.37 0.38
CA ASN B 137 13.29 -13.22 -0.75
C ASN B 137 12.69 -14.61 -0.55
N TYR B 138 12.57 -15.33 -1.66
CA TYR B 138 11.94 -16.65 -1.71
C TYR B 138 12.91 -17.80 -1.60
N ASP B 139 14.22 -17.54 -1.63
CA ASP B 139 15.20 -18.59 -1.52
C ASP B 139 15.29 -19.13 -0.09
N LYS B 140 16.07 -20.19 0.08
CA LYS B 140 16.27 -20.84 1.38
C LYS B 140 17.74 -20.85 1.78
N LEU B 141 18.52 -19.88 1.32
CA LEU B 141 19.93 -19.81 1.69
C LEU B 141 20.08 -19.51 3.17
N ILE B 142 19.25 -18.60 3.69
CA ILE B 142 19.37 -18.12 5.05
C ILE B 142 19.16 -19.25 6.05
N GLU B 143 18.28 -20.20 5.73
CA GLU B 143 18.11 -21.38 6.59
C GLU B 143 19.31 -22.31 6.51
N LYS B 144 19.87 -22.48 5.31
CA LYS B 144 20.97 -23.42 5.12
C LYS B 144 22.23 -22.94 5.83
N ALA B 145 22.49 -21.63 5.83
CA ALA B 145 23.65 -21.14 6.57
C ALA B 145 23.57 -21.52 8.04
N LEU B 146 22.36 -21.52 8.61
CA LEU B 146 22.19 -21.93 10.00
C LEU B 146 22.27 -23.44 10.18
N GLU B 147 21.66 -24.20 9.27
CA GLU B 147 21.75 -25.65 9.33
C GLU B 147 23.18 -26.14 9.19
N ASN B 148 24.01 -25.42 8.42
CA ASN B 148 25.42 -25.76 8.30
C ASN B 148 26.16 -25.48 9.60
N ASN B 149 25.82 -24.38 10.27
CA ASN B 149 26.35 -24.09 11.59
C ASN B 149 25.62 -25.02 12.57
N MET B 150 25.82 -24.83 13.87
CA MET B 150 25.18 -25.69 14.86
C MET B 150 23.70 -25.35 15.10
N LYS B 151 23.17 -24.31 14.46
CA LYS B 151 21.83 -23.83 14.76
C LYS B 151 20.78 -24.56 13.92
N LYS B 152 19.60 -24.76 14.52
CA LYS B 152 18.46 -25.45 13.90
C LYS B 152 17.29 -24.47 13.79
N PRO B 153 17.16 -23.78 12.66
CA PRO B 153 16.12 -22.74 12.55
C PRO B 153 14.71 -23.29 12.50
N TYR B 154 13.77 -22.45 12.91
CA TYR B 154 12.34 -22.70 12.76
C TYR B 154 11.87 -21.68 11.73
N VAL B 155 11.73 -22.12 10.49
CA VAL B 155 11.28 -21.24 9.41
C VAL B 155 9.76 -21.17 9.45
N LYS B 156 9.22 -19.97 9.54
CA LYS B 156 7.78 -19.73 9.63
C LYS B 156 7.30 -19.02 8.37
N THR B 157 6.22 -19.55 7.78
CA THR B 157 5.68 -19.00 6.54
C THR B 157 4.19 -18.72 6.57
N LYS B 158 3.41 -19.32 7.46
CA LYS B 158 1.97 -19.09 7.54
C LYS B 158 1.59 -18.74 8.97
N ASP B 159 0.44 -18.09 9.11
CA ASP B 159 -0.01 -17.65 10.44
C ASP B 159 -0.02 -18.80 11.43
N GLU B 160 -0.45 -19.99 10.98
CA GLU B 160 -0.61 -21.12 11.89
C GLU B 160 0.65 -21.40 12.68
N GLN B 161 1.82 -21.02 12.16
CA GLN B 161 3.06 -21.23 12.90
C GLN B 161 3.33 -20.11 13.91
N LEU B 162 2.79 -18.92 13.67
CA LEU B 162 2.99 -17.81 14.59
C LEU B 162 2.03 -17.84 15.77
N ARG B 163 0.97 -18.64 15.73
CA ARG B 163 -0.02 -18.62 16.80
C ARG B 163 0.60 -19.07 18.11
N GLY B 164 0.22 -18.40 19.19
CA GLY B 164 0.68 -18.79 20.51
C GLY B 164 2.10 -18.33 20.74
N THR B 165 2.97 -19.25 21.16
CA THR B 165 4.35 -18.92 21.41
C THR B 165 5.16 -20.21 21.40
N ASN B 166 6.45 -20.07 21.14
CA ASN B 166 7.36 -21.20 21.24
C ASN B 166 8.74 -20.69 21.65
N HIS B 167 9.40 -21.49 22.48
CA HIS B 167 10.66 -21.14 23.12
C HIS B 167 11.80 -22.02 22.68
N ASN B 168 11.51 -23.08 21.92
CA ASN B 168 12.44 -24.19 21.74
C ASN B 168 13.59 -23.87 20.79
N PHE B 169 13.29 -23.36 19.60
CA PHE B 169 14.25 -23.37 18.51
C PHE B 169 15.36 -22.34 18.66
N ASP B 170 16.51 -22.65 18.06
CA ASP B 170 17.70 -21.81 18.14
C ASP B 170 17.52 -20.49 17.41
N ALA B 171 16.61 -20.43 16.44
CA ALA B 171 16.40 -19.21 15.67
C ALA B 171 15.12 -19.37 14.87
N ILE B 172 14.50 -18.24 14.55
CA ILE B 172 13.26 -18.20 13.79
C ILE B 172 13.55 -17.44 12.50
N VAL B 173 13.15 -18.01 11.37
CA VAL B 173 13.34 -17.41 10.07
C VAL B 173 11.95 -17.13 9.50
N TYR B 174 11.53 -15.88 9.55
CA TYR B 174 10.23 -15.50 9.00
C TYR B 174 10.37 -15.27 7.50
N LYS B 175 9.59 -15.99 6.71
CA LYS B 175 9.57 -15.81 5.25
C LYS B 175 8.38 -14.89 5.01
N LEU B 176 8.65 -13.58 5.12
CA LEU B 176 7.58 -12.58 5.09
C LEU B 176 6.81 -12.62 3.78
N HIS B 177 7.52 -12.71 2.65
CA HIS B 177 6.89 -12.75 1.34
C HIS B 177 6.74 -14.18 0.82
N GLY B 178 6.66 -15.15 1.73
CA GLY B 178 6.47 -16.53 1.34
C GLY B 178 7.78 -17.21 0.99
N ASP B 179 7.64 -18.42 0.45
CA ASP B 179 8.78 -19.29 0.22
C ASP B 179 8.56 -20.06 -1.08
N VAL B 180 9.66 -20.58 -1.61
CA VAL B 180 9.62 -21.30 -2.89
C VAL B 180 8.97 -22.67 -2.74
N GLU B 181 8.82 -23.18 -1.51
CA GLU B 181 8.16 -24.46 -1.33
C GLU B 181 6.64 -24.39 -1.54
N THR B 182 6.07 -23.19 -1.49
CA THR B 182 4.63 -23.00 -1.68
C THR B 182 4.43 -21.71 -2.47
N PRO B 183 4.83 -21.71 -3.75
CA PRO B 183 4.75 -20.47 -4.53
C PRO B 183 3.34 -20.01 -4.86
N GLU B 184 2.34 -20.90 -4.82
CA GLU B 184 0.97 -20.48 -5.09
C GLU B 184 0.47 -19.47 -4.06
N ASP B 185 1.12 -19.40 -2.90
CA ASP B 185 0.80 -18.43 -1.86
C ASP B 185 1.80 -17.29 -1.77
N ALA B 186 2.86 -17.32 -2.58
CA ALA B 186 3.92 -16.32 -2.49
C ALA B 186 3.38 -14.92 -2.78
N VAL B 187 4.03 -13.93 -2.17
CA VAL B 187 3.68 -12.53 -2.36
C VAL B 187 4.51 -12.01 -3.54
N ILE B 188 3.87 -11.83 -4.69
CA ILE B 188 4.55 -11.48 -5.93
C ILE B 188 3.87 -10.30 -6.59
N THR B 189 2.62 -10.52 -7.01
CA THR B 189 1.87 -9.53 -7.77
C THR B 189 1.38 -8.42 -6.86
N ARG B 190 0.81 -7.38 -7.49
CA ARG B 190 0.28 -6.24 -6.75
C ARG B 190 -0.85 -6.65 -5.82
N SER B 191 -1.80 -7.44 -6.32
CA SER B 191 -2.92 -7.87 -5.47
C SER B 191 -2.47 -8.84 -4.38
N ASP B 192 -1.30 -9.47 -4.54
CA ASP B 192 -0.75 -10.26 -3.44
C ASP B 192 -0.30 -9.36 -2.29
N TYR B 193 0.12 -8.13 -2.59
CA TYR B 193 0.38 -7.15 -1.55
C TYR B 193 -0.92 -6.55 -1.01
N GLU B 194 -1.90 -6.34 -1.89
CA GLU B 194 -3.20 -5.84 -1.45
C GLU B 194 -3.87 -6.81 -0.49
N GLU B 195 -3.84 -8.11 -0.83
CA GLU B 195 -4.45 -9.14 0.00
C GLU B 195 -3.52 -9.60 1.13
N PHE B 196 -2.48 -8.85 1.43
CA PHE B 196 -1.55 -9.23 2.49
C PHE B 196 -2.19 -8.93 3.84
N GLY B 197 -2.45 -9.98 4.62
CA GLY B 197 -3.03 -9.85 5.92
C GLY B 197 -4.53 -10.10 5.99
N TYR B 198 -5.22 -10.14 4.84
CA TYR B 198 -6.66 -10.34 4.85
C TYR B 198 -7.04 -11.80 4.58
N ASN B 199 -6.77 -12.28 3.38
CA ASN B 199 -6.98 -13.68 3.04
C ASN B 199 -5.82 -14.54 3.52
N LYS B 200 -4.65 -13.93 3.72
CA LYS B 200 -3.41 -14.64 3.97
C LYS B 200 -2.53 -13.78 4.87
N ARG B 201 -1.73 -14.45 5.70
CA ARG B 201 -0.74 -13.78 6.56
C ARG B 201 -1.36 -12.78 7.53
N LYS B 202 -2.41 -13.21 8.24
CA LYS B 202 -3.12 -12.29 9.11
C LYS B 202 -2.24 -11.84 10.28
N LEU B 203 -1.41 -12.73 10.81
CA LEU B 203 -0.64 -12.43 12.01
C LEU B 203 0.77 -11.91 11.75
N PHE B 204 1.26 -11.98 10.51
CA PHE B 204 2.62 -11.52 10.23
C PHE B 204 2.78 -10.05 10.59
N ARG B 205 1.75 -9.23 10.37
CA ARG B 205 1.88 -7.78 10.54
C ARG B 205 2.23 -7.42 11.97
N GLU B 206 1.48 -7.97 12.95
CA GLU B 206 1.69 -7.60 14.33
C GLU B 206 2.98 -8.18 14.90
N VAL B 207 3.36 -9.39 14.47
CA VAL B 207 4.59 -9.99 14.95
C VAL B 207 5.79 -9.21 14.43
N LEU B 208 5.72 -8.79 13.16
CA LEU B 208 6.78 -7.97 12.58
C LEU B 208 6.88 -6.60 13.25
N GLU B 209 5.74 -5.93 13.44
CA GLU B 209 5.76 -4.63 14.11
C GLU B 209 6.34 -4.73 15.51
N GLY B 210 5.99 -5.80 16.24
CA GLY B 210 6.57 -6.01 17.56
C GLY B 210 8.07 -6.18 17.51
N ASP B 211 8.56 -7.07 16.64
CA ASP B 211 10.01 -7.25 16.53
C ASP B 211 10.70 -5.95 16.15
N LEU B 212 10.05 -5.12 15.33
CA LEU B 212 10.68 -3.86 14.93
C LEU B 212 10.74 -2.87 16.08
N LEU B 213 9.77 -2.90 16.99
CA LEU B 213 9.79 -1.98 18.11
C LEU B 213 10.61 -2.47 19.29
N THR B 214 10.94 -3.77 19.35
CA THR B 214 11.70 -4.33 20.46
C THR B 214 13.13 -4.69 20.12
N LYS B 215 13.39 -5.26 18.93
CA LYS B 215 14.74 -5.61 18.54
C LYS B 215 15.42 -4.45 17.83
N THR B 216 16.74 -4.53 17.73
CA THR B 216 17.54 -3.68 16.86
C THR B 216 17.92 -4.51 15.64
N PHE B 217 17.48 -4.07 14.46
CA PHE B 217 17.59 -4.86 13.25
C PHE B 217 18.69 -4.35 12.34
N LEU B 218 19.37 -5.28 11.69
CA LEU B 218 20.38 -4.98 10.67
C LEU B 218 19.78 -5.30 9.31
N PHE B 219 19.67 -4.28 8.46
CA PHE B 219 19.09 -4.42 7.12
C PHE B 219 20.21 -4.57 6.10
N LEU B 220 20.08 -5.53 5.19
CA LEU B 220 21.16 -5.82 4.26
C LEU B 220 20.75 -5.82 2.79
N GLY B 221 20.12 -6.90 2.33
CA GLY B 221 19.90 -7.09 0.90
C GLY B 221 18.78 -6.26 0.32
N PHE B 222 18.96 -4.94 0.31
CA PHE B 222 17.91 -4.03 -0.14
C PHE B 222 18.53 -2.84 -0.86
N SER B 223 17.72 -2.20 -1.70
CA SER B 223 18.11 -0.99 -2.41
C SER B 223 16.86 -0.15 -2.67
N PHE B 224 17.04 1.17 -2.63
CA PHE B 224 15.93 2.08 -2.92
C PHE B 224 15.33 1.84 -4.30
N GLU B 225 16.09 1.22 -5.20
CA GLU B 225 15.64 0.98 -6.57
C GLU B 225 14.95 -0.36 -6.75
N ASP B 226 14.77 -1.14 -5.67
CA ASP B 226 14.03 -2.38 -5.77
C ASP B 226 12.64 -2.09 -6.34
N PRO B 227 11.99 -3.09 -6.93
CA PRO B 227 10.65 -2.85 -7.49
C PRO B 227 9.55 -2.93 -6.44
N ASN B 228 9.80 -3.69 -5.38
CA ASN B 228 8.84 -3.90 -4.31
C ASN B 228 9.06 -2.96 -3.14
N PHE B 229 9.86 -1.90 -3.33
CA PHE B 229 10.32 -1.13 -2.17
C PHE B 229 9.18 -0.43 -1.45
N ASN B 230 8.40 0.40 -2.16
CA ASN B 230 7.33 1.15 -1.51
C ASN B 230 6.45 0.26 -0.66
N TYR B 231 6.11 -0.93 -1.17
CA TYR B 231 5.25 -1.84 -0.42
C TYR B 231 5.98 -2.35 0.81
N VAL B 232 7.28 -2.60 0.70
CA VAL B 232 8.06 -3.11 1.82
C VAL B 232 8.12 -2.08 2.94
N ILE B 233 8.45 -0.83 2.59
CA ILE B 233 8.64 0.20 3.61
C ILE B 233 7.32 0.57 4.26
N GLY B 234 6.20 0.40 3.55
CA GLY B 234 4.92 0.75 4.13
C GLY B 234 4.61 0.05 5.44
N ARG B 235 5.14 -1.17 5.62
CA ARG B 235 4.87 -1.92 6.84
C ARG B 235 5.48 -1.25 8.08
N LEU B 236 6.49 -0.41 7.90
CA LEU B 236 7.20 0.21 9.01
C LEU B 236 6.51 1.44 9.55
N ARG B 237 5.25 1.67 9.17
CA ARG B 237 4.55 2.87 9.61
C ARG B 237 4.52 2.99 11.13
N VAL B 238 4.68 1.88 11.86
CA VAL B 238 4.68 1.95 13.32
C VAL B 238 5.86 2.75 13.82
N LEU B 239 6.98 2.73 13.07
CA LEU B 239 8.17 3.45 13.48
C LEU B 239 8.06 4.96 13.28
N LEU B 240 6.98 5.43 12.65
CA LEU B 240 6.78 6.86 12.49
C LEU B 240 6.22 7.52 13.75
N ASP B 241 5.63 6.73 14.65
CA ASP B 241 5.18 7.27 15.93
C ASP B 241 6.35 7.91 16.67
N GLU B 242 6.19 9.18 17.05
CA GLU B 242 7.28 9.90 17.70
C GLU B 242 7.78 9.18 18.94
N LYS B 243 6.95 8.36 19.56
CA LYS B 243 7.31 7.59 20.74
C LYS B 243 8.11 6.33 20.42
N ASN B 244 8.74 6.28 19.24
CA ASN B 244 9.40 5.05 18.83
C ASN B 244 10.75 4.87 19.53
N THR B 245 11.60 5.89 19.49
CA THR B 245 12.87 5.88 20.20
C THR B 245 13.83 4.79 19.71
N ARG B 246 13.33 3.85 18.92
CA ARG B 246 14.10 2.68 18.51
C ARG B 246 14.93 3.01 17.28
N LYS B 247 16.16 2.47 17.24
CA LYS B 247 17.07 2.68 16.12
C LYS B 247 17.43 1.37 15.46
N HIS B 248 17.48 1.40 14.12
CA HIS B 248 17.89 0.27 13.29
C HIS B 248 18.93 0.76 12.29
N TYR B 249 19.64 -0.18 11.66
CA TYR B 249 20.79 0.15 10.82
C TYR B 249 20.74 -0.65 9.53
N CYS B 250 21.28 -0.04 8.46
CA CYS B 250 21.19 -0.57 7.11
C CYS B 250 22.51 -0.38 6.39
N ILE B 251 22.69 -1.12 5.30
CA ILE B 251 23.89 -1.03 4.47
C ILE B 251 23.47 -0.98 3.00
N MET B 252 24.06 -0.05 2.24
CA MET B 252 23.75 0.04 0.82
C MET B 252 24.98 0.52 0.07
N LYS B 253 24.99 0.31 -1.26
CA LYS B 253 26.12 0.71 -2.07
C LYS B 253 26.03 2.18 -2.43
N ARG B 254 27.12 2.91 -2.19
CA ARG B 254 27.20 4.30 -2.61
C ARG B 254 27.14 4.38 -4.13
N VAL B 255 26.64 5.50 -4.64
CA VAL B 255 26.59 5.66 -6.09
C VAL B 255 28.03 5.70 -6.61
N GLN B 256 28.22 5.25 -7.84
CA GLN B 256 29.54 5.10 -8.42
C GLN B 256 29.67 5.88 -9.72
N ASP B 257 30.89 6.35 -9.98
CA ASP B 257 31.16 7.12 -11.19
C ASP B 257 30.60 6.42 -12.43
N ALA B 258 30.79 5.10 -12.52
CA ALA B 258 30.27 4.36 -13.67
C ALA B 258 28.79 4.63 -13.89
N ASP B 259 28.02 4.75 -12.80
CA ASP B 259 26.59 5.04 -12.93
C ASP B 259 26.39 6.39 -13.60
N GLU B 260 25.76 6.40 -14.77
CA GLU B 260 25.47 7.63 -15.47
C GLU B 260 24.56 8.52 -14.62
N ASP B 261 24.61 9.83 -14.89
CA ASP B 261 23.87 10.81 -14.09
C ASP B 261 24.30 10.75 -12.64
N TYR B 262 25.62 10.66 -12.42
CA TYR B 262 26.19 10.42 -11.10
C TYR B 262 25.67 11.41 -10.07
N GLU B 263 25.84 12.71 -10.32
CA GLU B 263 25.48 13.71 -9.33
C GLU B 263 23.97 13.69 -9.04
N TYR B 264 23.16 13.48 -10.09
CA TYR B 264 21.71 13.46 -9.90
C TYR B 264 21.27 12.25 -9.10
N LYS B 265 21.78 11.06 -9.44
CA LYS B 265 21.42 9.88 -8.69
C LYS B 265 21.95 9.93 -7.26
N LYS B 266 23.09 10.61 -7.04
CA LYS B 266 23.57 10.79 -5.68
C LYS B 266 22.62 11.69 -4.88
N ALA B 267 22.07 12.72 -5.52
CA ALA B 267 21.08 13.55 -4.83
C ALA B 267 19.82 12.76 -4.51
N ARG B 268 19.35 11.97 -5.48
CA ARG B 268 18.19 11.12 -5.23
C ARG B 268 18.45 10.18 -4.07
N GLN B 269 19.62 9.53 -4.06
CA GLN B 269 19.96 8.59 -3.00
C GLN B 269 20.05 9.29 -1.64
N GLU B 270 20.60 10.51 -1.62
CA GLU B 270 20.65 11.25 -0.37
C GLU B 270 19.25 11.51 0.17
N LEU B 271 18.35 12.04 -0.68
CA LEU B 271 16.99 12.30 -0.22
C LEU B 271 16.27 11.01 0.17
N GLN B 272 16.61 9.91 -0.50
CA GLN B 272 16.00 8.62 -0.15
C GLN B 272 16.44 8.17 1.24
N ILE B 273 17.70 8.40 1.59
CA ILE B 273 18.18 8.04 2.92
C ILE B 273 17.57 8.96 3.98
N GLU B 274 17.46 10.26 3.67
CA GLU B 274 16.84 11.17 4.63
C GLU B 274 15.37 10.83 4.84
N ASP B 275 14.70 10.31 3.82
CA ASP B 275 13.34 9.84 3.99
C ASP B 275 13.31 8.57 4.83
N LEU B 276 14.26 7.66 4.59
CA LEU B 276 14.34 6.43 5.36
C LEU B 276 14.51 6.71 6.84
N ASN B 277 15.34 7.70 7.19
CA ASN B 277 15.66 7.96 8.60
C ASN B 277 14.44 8.33 9.43
N ARG B 278 13.34 8.71 8.77
CA ARG B 278 12.10 9.00 9.50
C ARG B 278 11.59 7.79 10.28
N TYR B 279 11.82 6.59 9.75
CA TYR B 279 11.42 5.36 10.41
C TYR B 279 12.46 4.89 11.44
N GLY B 280 13.41 5.75 11.79
CA GLY B 280 14.44 5.37 12.75
C GLY B 280 15.53 4.47 12.21
N ILE B 281 15.75 4.46 10.90
CA ILE B 281 16.77 3.63 10.27
C ILE B 281 17.91 4.52 9.81
N PHE B 282 19.14 4.12 10.15
CA PHE B 282 20.35 4.79 9.72
C PHE B 282 21.03 3.94 8.66
N THR B 283 21.96 4.54 7.93
CA THR B 283 22.55 3.89 6.77
C THR B 283 24.06 4.05 6.76
N TYR B 284 24.76 2.95 6.45
CA TYR B 284 26.17 2.98 6.08
C TYR B 284 26.28 2.64 4.59
N LEU B 285 27.22 3.30 3.91
CA LEU B 285 27.34 3.20 2.47
C LEU B 285 28.69 2.58 2.11
N VAL B 286 28.64 1.47 1.40
CA VAL B 286 29.82 0.81 0.88
C VAL B 286 29.99 1.26 -0.57
N ASN B 287 31.16 0.96 -1.14
CA ASN B 287 31.39 1.24 -2.56
C ASN B 287 31.35 -0.02 -3.42
N LYS B 288 31.56 -1.19 -2.85
CA LYS B 288 31.32 -2.46 -3.51
C LYS B 288 30.79 -3.43 -2.46
N TYR B 289 29.96 -4.37 -2.90
CA TYR B 289 29.26 -5.25 -1.96
C TYR B 289 30.21 -6.13 -1.15
N ASP B 290 31.43 -6.39 -1.64
CA ASP B 290 32.37 -7.16 -0.84
C ASP B 290 32.55 -6.51 0.53
N GLU B 291 32.48 -5.19 0.59
CA GLU B 291 32.70 -4.48 1.85
C GLU B 291 31.72 -4.94 2.92
N ILE B 292 30.51 -5.34 2.53
CA ILE B 292 29.56 -5.88 3.51
C ILE B 292 30.23 -6.98 4.32
N THR B 293 30.82 -7.95 3.64
CA THR B 293 31.45 -9.07 4.33
C THR B 293 32.50 -8.57 5.31
N GLU B 294 33.27 -7.54 4.91
CA GLU B 294 34.33 -7.04 5.77
C GLU B 294 33.78 -6.64 7.12
N ILE B 295 32.55 -6.10 7.15
CA ILE B 295 31.95 -5.71 8.42
C ILE B 295 31.46 -6.95 9.16
N LEU B 296 30.72 -7.82 8.47
CA LEU B 296 30.21 -9.03 9.12
C LEU B 296 31.34 -9.81 9.76
N SER B 297 32.40 -10.08 8.99
CA SER B 297 33.57 -10.77 9.53
C SER B 297 34.09 -10.04 10.76
N THR B 298 34.24 -8.72 10.67
CA THR B 298 34.72 -7.95 11.82
C THR B 298 33.86 -8.25 13.04
N LEU B 299 32.55 -8.30 12.87
CA LEU B 299 31.66 -8.57 14.00
C LEU B 299 31.75 -10.02 14.46
N VAL B 300 32.00 -10.96 13.55
CA VAL B 300 32.17 -12.35 13.96
C VAL B 300 33.45 -12.50 14.78
N ASP B 301 34.57 -12.04 14.24
CA ASP B 301 35.85 -12.16 14.95
C ASP B 301 35.75 -11.53 16.34
N ARG B 302 35.32 -10.26 16.40
CA ARG B 302 35.24 -9.59 17.69
C ARG B 302 34.28 -10.30 18.64
N PHE B 303 33.27 -10.99 18.10
CA PHE B 303 32.36 -11.74 18.95
C PHE B 303 32.96 -13.08 19.34
N ARG B 304 33.74 -13.68 18.44
CA ARG B 304 34.34 -14.97 18.73
C ARG B 304 35.26 -14.90 19.94
N ARG B 305 35.89 -13.74 20.18
CA ARG B 305 36.79 -13.60 21.32
C ARG B 305 36.07 -13.69 22.65
N LYS B 306 34.72 -13.68 22.65
CA LYS B 306 33.98 -13.99 23.86
C LYS B 306 34.01 -15.49 24.16
N THR B 307 34.40 -16.31 23.19
CA THR B 307 34.48 -17.75 23.33
C THR B 307 35.93 -18.17 23.17
N ILE B 308 36.45 -18.90 24.16
CA ILE B 308 37.86 -19.23 24.26
C ILE B 308 38.01 -20.73 24.07
N PHE B 309 39.10 -21.14 23.44
CA PHE B 309 39.45 -22.54 23.27
C PHE B 309 40.64 -22.85 24.18
N ILE B 310 40.58 -23.97 24.88
CA ILE B 310 41.60 -24.37 25.83
C ILE B 310 42.16 -25.72 25.39
N SER B 311 43.48 -25.82 25.31
CA SER B 311 44.16 -27.01 24.83
C SER B 311 45.24 -27.42 25.83
N GLY B 312 45.56 -28.70 25.84
CA GLY B 312 46.64 -29.20 26.69
C GLY B 312 46.41 -30.63 27.12
N SER B 313 47.43 -31.18 27.79
CA SER B 313 47.41 -32.52 28.36
C SER B 313 48.60 -32.68 29.30
N ALA B 314 48.36 -33.10 30.55
CA ALA B 314 49.40 -33.12 31.58
C ALA B 314 49.34 -34.36 32.45
N TYR B 315 50.25 -35.31 32.23
CA TYR B 315 50.48 -36.32 33.26
C TYR B 315 51.22 -35.73 34.45
N SER B 316 52.15 -34.80 34.18
CA SER B 316 52.89 -34.07 35.20
C SER B 316 52.74 -32.58 34.95
N TYR B 317 52.72 -31.81 36.03
CA TYR B 317 52.42 -30.37 35.97
C TYR B 317 53.68 -29.51 36.12
N SER B 318 54.76 -29.86 35.39
CA SER B 318 55.99 -29.11 35.42
C SER B 318 56.35 -28.65 36.84
N ALA B 319 56.75 -27.38 37.01
CA ALA B 319 57.21 -26.87 38.32
C ALA B 319 56.12 -26.84 39.39
N TYR B 320 54.90 -27.25 39.09
CA TYR B 320 53.82 -27.23 40.06
C TYR B 320 53.61 -28.65 40.56
N SER B 321 53.30 -28.79 41.85
CA SER B 321 52.88 -30.08 42.38
C SER B 321 51.54 -30.46 41.79
N GLN B 322 51.19 -31.74 41.93
CA GLN B 322 49.96 -32.22 41.33
C GLN B 322 48.77 -31.41 41.82
N LYS B 323 48.55 -31.34 43.14
CA LYS B 323 47.42 -30.58 43.65
C LYS B 323 47.52 -29.11 43.27
N THR B 324 48.75 -28.57 43.19
CA THR B 324 48.92 -27.17 42.81
C THR B 324 48.63 -26.96 41.32
N GLY B 325 49.03 -27.91 40.47
CA GLY B 325 48.68 -27.82 39.06
C GLY B 325 47.21 -28.08 38.81
N GLU B 326 46.56 -28.85 39.68
CA GLU B 326 45.12 -29.05 39.60
C GLU B 326 44.38 -27.78 39.96
N ASN B 327 44.75 -27.16 41.08
CA ASN B 327 44.02 -25.98 41.54
C ASN B 327 44.37 -24.73 40.74
N PHE B 328 45.52 -24.70 40.05
CA PHE B 328 45.77 -23.59 39.12
C PHE B 328 44.74 -23.61 37.97
N ILE B 329 44.54 -24.78 37.36
CA ILE B 329 43.55 -24.91 36.31
C ILE B 329 42.16 -24.60 36.85
N HIS B 330 41.84 -25.12 38.03
CA HIS B 330 40.56 -24.84 38.66
C HIS B 330 40.33 -23.33 38.75
N LYS B 331 41.30 -22.60 39.30
CA LYS B 331 41.15 -21.17 39.52
C LYS B 331 41.21 -20.36 38.23
N LEU B 332 41.82 -20.91 37.17
CA LEU B 332 41.81 -20.21 35.89
C LEU B 332 40.45 -20.30 35.22
N SER B 333 39.88 -21.52 35.14
CA SER B 333 38.55 -21.63 34.54
C SER B 333 37.52 -20.87 35.37
N PHE B 334 37.65 -20.91 36.70
CA PHE B 334 36.75 -20.14 37.55
C PHE B 334 36.82 -18.65 37.22
N GLU B 335 38.04 -18.09 37.17
CA GLU B 335 38.15 -16.66 36.89
C GLU B 335 37.66 -16.33 35.48
N LEU B 336 37.86 -17.22 34.52
CA LEU B 336 37.34 -16.98 33.18
C LEU B 336 35.82 -16.97 33.16
N SER B 337 35.17 -17.77 34.01
CA SER B 337 33.72 -17.73 34.10
C SER B 337 33.24 -16.47 34.81
N LYS B 338 34.00 -16.01 35.81
CA LYS B 338 33.59 -14.80 36.53
C LYS B 338 33.47 -13.61 35.60
N ASN B 339 34.38 -13.49 34.62
CA ASN B 339 34.39 -12.37 33.69
C ASN B 339 33.51 -12.58 32.46
N GLY B 340 32.69 -13.63 32.44
CA GLY B 340 31.71 -13.82 31.37
C GLY B 340 32.25 -14.33 30.05
N TYR B 341 33.10 -15.36 30.09
CA TYR B 341 33.69 -15.96 28.90
C TYR B 341 33.28 -17.42 28.78
N HIS B 342 32.94 -17.85 27.57
CA HIS B 342 32.57 -19.24 27.29
C HIS B 342 33.81 -20.05 26.97
N ILE B 343 33.83 -21.31 27.41
CA ILE B 343 35.01 -22.16 27.28
C ILE B 343 34.68 -23.37 26.41
N VAL B 344 35.60 -23.70 25.50
CA VAL B 344 35.55 -24.92 24.70
C VAL B 344 36.86 -25.68 24.95
N ASN B 345 36.75 -26.91 25.45
CA ASN B 345 37.92 -27.71 25.78
C ASN B 345 37.74 -29.13 25.28
N GLY B 346 38.86 -29.79 24.98
CA GLY B 346 38.84 -31.14 24.44
C GLY B 346 39.01 -32.21 25.50
N TYR B 347 38.65 -31.87 26.73
CA TYR B 347 38.80 -32.74 27.90
C TYR B 347 40.08 -33.56 27.85
N GLY B 348 41.23 -32.88 27.95
CA GLY B 348 42.52 -33.53 27.92
C GLY B 348 42.93 -34.18 29.23
N LYS B 349 43.93 -35.06 29.13
CA LYS B 349 44.49 -35.72 30.30
C LYS B 349 45.08 -34.71 31.27
N GLY B 350 44.63 -34.76 32.52
CA GLY B 350 45.15 -33.89 33.55
C GLY B 350 44.60 -32.48 33.53
N VAL B 351 44.05 -32.03 32.41
CA VAL B 351 43.57 -30.67 32.24
C VAL B 351 42.05 -30.58 32.32
N GLY B 352 41.33 -31.45 31.62
CA GLY B 352 39.89 -31.26 31.51
C GLY B 352 39.14 -31.45 32.81
N GLU B 353 39.55 -32.42 33.63
CA GLU B 353 38.82 -32.66 34.87
C GLU B 353 38.74 -31.39 35.70
N PHE B 354 39.80 -30.59 35.67
CA PHE B 354 39.87 -29.41 36.53
C PHE B 354 39.43 -28.13 35.86
N VAL B 355 39.41 -28.07 34.52
CA VAL B 355 38.64 -27.03 33.85
C VAL B 355 37.18 -27.17 34.23
N LEU B 356 36.65 -28.39 34.12
CA LEU B 356 35.29 -28.67 34.55
C LEU B 356 35.11 -28.37 36.02
N ASN B 357 36.09 -28.75 36.85
CA ASN B 357 35.96 -28.53 38.29
C ASN B 357 35.86 -27.05 38.61
N GLY B 358 36.70 -26.22 37.96
CA GLY B 358 36.62 -24.79 38.19
C GLY B 358 35.31 -24.20 37.74
N VAL B 359 34.83 -24.59 36.55
CA VAL B 359 33.58 -24.01 36.09
C VAL B 359 32.41 -24.48 36.95
N ALA B 360 32.46 -25.72 37.43
CA ALA B 360 31.45 -26.21 38.34
C ALA B 360 31.48 -25.48 39.66
N ASP B 361 32.68 -25.16 40.15
CA ASP B 361 32.80 -24.34 41.36
C ASP B 361 32.15 -22.98 41.15
N TYR B 362 32.38 -22.37 39.99
CA TYR B 362 31.76 -21.08 39.71
C TYR B 362 30.24 -21.20 39.69
N CYS B 363 29.71 -22.12 38.87
CA CYS B 363 28.28 -22.24 38.71
C CYS B 363 27.58 -22.65 40.01
N LEU B 364 28.25 -23.43 40.86
CA LEU B 364 27.68 -23.76 42.15
C LEU B 364 27.75 -22.59 43.11
N THR B 365 28.79 -21.75 43.00
CA THR B 365 28.90 -20.58 43.85
C THR B 365 27.76 -19.59 43.57
N HIS B 366 27.43 -19.39 42.30
CA HIS B 366 26.46 -18.39 41.87
C HIS B 366 25.21 -19.02 41.28
N LYS B 367 24.89 -20.24 41.70
CA LYS B 367 23.68 -20.94 41.26
C LYS B 367 23.42 -20.69 39.78
N SER B 368 24.46 -20.88 38.98
CA SER B 368 24.40 -20.76 37.54
C SER B 368 24.45 -22.15 36.92
N LYS B 369 24.23 -22.21 35.61
CA LYS B 369 24.24 -23.48 34.89
C LYS B 369 25.53 -23.62 34.10
N ILE B 370 26.13 -24.80 34.17
CA ILE B 370 27.47 -24.99 33.62
C ILE B 370 27.42 -24.98 32.09
N ASN B 371 26.40 -25.61 31.50
CA ASN B 371 26.32 -25.68 30.05
C ASN B 371 26.27 -24.29 29.42
N ASP B 372 25.94 -23.26 30.19
CA ASP B 372 26.01 -21.89 29.72
C ASP B 372 27.45 -21.41 29.55
N PHE B 373 28.43 -22.08 30.18
CA PHE B 373 29.80 -21.64 30.15
C PHE B 373 30.78 -22.61 29.50
N LEU B 374 30.43 -23.90 29.39
CA LEU B 374 31.40 -24.91 29.00
C LEU B 374 30.84 -25.83 27.94
N THR B 375 31.62 -26.04 26.87
CA THR B 375 31.32 -27.01 25.81
C THR B 375 32.55 -27.90 25.64
N LEU B 376 32.37 -29.22 25.76
CA LEU B 376 33.48 -30.16 25.75
C LEU B 376 33.49 -31.00 24.47
N MET B 377 34.67 -31.55 24.19
CA MET B 377 34.91 -32.34 22.98
C MET B 377 35.82 -33.52 23.30
N PRO B 378 35.38 -34.43 24.16
CA PRO B 378 36.26 -35.52 24.59
C PRO B 378 36.58 -36.43 23.42
N PHE B 379 37.51 -37.36 23.65
CA PHE B 379 38.01 -38.24 22.60
C PHE B 379 37.74 -39.67 23.00
N PRO B 380 36.67 -40.29 22.50
CA PRO B 380 36.28 -41.62 22.98
C PRO B 380 37.28 -42.70 22.58
N GLN B 381 37.24 -43.80 23.35
CA GLN B 381 38.13 -44.93 23.16
C GLN B 381 37.51 -46.07 22.37
N ASN B 382 36.29 -46.47 22.72
CA ASN B 382 35.63 -47.59 22.09
C ASN B 382 34.30 -47.09 21.54
N SER B 383 34.22 -46.92 20.23
CA SER B 383 32.94 -46.60 19.62
C SER B 383 31.99 -47.75 19.90
N SER B 384 30.83 -47.45 20.49
CA SER B 384 29.88 -48.50 20.81
C SER B 384 29.42 -49.20 19.54
N LEU B 385 29.10 -48.42 18.50
CA LEU B 385 28.74 -48.98 17.21
C LEU B 385 29.79 -49.94 16.69
N GLY B 386 31.05 -49.75 17.08
CA GLY B 386 32.13 -50.59 16.63
C GLY B 386 32.57 -50.15 15.25
N ILE B 387 32.77 -48.84 15.12
CA ILE B 387 33.25 -48.23 13.88
C ILE B 387 34.08 -47.01 14.26
N ASP B 388 35.09 -46.71 13.45
CA ASP B 388 35.95 -45.57 13.73
C ASP B 388 35.19 -44.26 13.58
N LEU B 389 35.43 -43.35 14.52
CA LEU B 389 34.73 -42.08 14.58
C LEU B 389 35.68 -40.90 14.43
N ASP B 390 36.95 -41.15 14.11
CA ASP B 390 37.94 -40.08 14.08
C ASP B 390 37.54 -38.98 13.11
N LYS B 391 37.00 -39.34 11.95
CA LYS B 391 36.57 -38.32 10.99
C LYS B 391 35.50 -37.42 11.61
N LEU B 392 34.47 -38.03 12.20
CA LEU B 392 33.41 -37.26 12.84
C LEU B 392 33.95 -36.40 13.97
N TYR B 393 34.84 -36.97 14.79
CA TYR B 393 35.42 -36.23 15.90
C TYR B 393 36.23 -35.03 15.42
N LYS B 394 37.05 -35.22 14.39
CA LYS B 394 37.87 -34.13 13.88
C LYS B 394 37.01 -33.02 13.31
N GLU B 395 35.90 -33.39 12.66
CA GLU B 395 34.99 -32.37 12.15
C GLU B 395 34.29 -31.63 13.27
N ASN B 396 33.78 -32.35 14.27
CA ASN B 396 33.21 -31.69 15.44
C ASN B 396 34.21 -30.73 16.08
N ARG B 397 35.48 -31.15 16.16
CA ARG B 397 36.50 -30.29 16.76
C ARG B 397 36.66 -29.00 15.97
N GLU B 398 36.76 -29.11 14.64
CA GLU B 398 36.88 -27.92 13.82
C GLU B 398 35.64 -27.03 13.93
N GLN B 399 34.45 -27.63 14.02
CA GLN B 399 33.23 -26.84 14.15
C GLN B 399 33.22 -26.07 15.45
N MET B 400 33.68 -26.69 16.54
CA MET B 400 33.77 -25.98 17.81
C MET B 400 34.83 -24.89 17.77
N ILE B 401 35.97 -25.17 17.13
CA ILE B 401 37.08 -24.22 17.14
C ILE B 401 36.77 -22.98 16.31
N GLU B 402 36.09 -23.14 15.16
CA GLU B 402 35.75 -21.97 14.37
C GLU B 402 34.77 -21.04 15.08
N SER B 403 34.08 -21.52 16.11
CA SER B 403 33.25 -20.67 16.95
C SER B 403 34.05 -19.93 18.01
N CYS B 404 35.30 -20.34 18.25
CA CYS B 404 36.16 -19.70 19.23
C CYS B 404 37.03 -18.63 18.57
N GLY B 405 37.47 -17.67 19.39
CA GLY B 405 38.30 -16.59 18.90
C GLY B 405 39.66 -16.52 19.57
N ILE B 406 39.82 -17.24 20.69
CA ILE B 406 41.07 -17.27 21.43
C ILE B 406 41.44 -18.73 21.70
N ALA B 407 42.75 -19.00 21.69
CA ALA B 407 43.29 -20.32 21.99
C ALA B 407 44.35 -20.18 23.07
N ILE B 408 44.12 -20.81 24.21
CA ILE B 408 45.08 -20.86 25.32
C ILE B 408 45.62 -22.27 25.41
N PHE B 409 46.94 -22.40 25.46
CA PHE B 409 47.61 -23.69 25.51
C PHE B 409 48.31 -23.85 26.86
N LEU B 410 48.24 -25.07 27.41
CA LEU B 410 48.83 -25.36 28.71
C LEU B 410 49.48 -26.74 28.68
N PHE B 411 50.61 -26.87 29.39
CA PHE B 411 51.32 -28.14 29.54
C PHE B 411 51.42 -28.82 28.19
N GLY B 412 51.05 -30.09 28.06
CA GLY B 412 51.20 -30.86 26.84
C GLY B 412 52.33 -31.86 26.97
N ASN B 413 52.29 -32.68 28.02
CA ASN B 413 53.33 -33.65 28.28
C ASN B 413 52.77 -34.91 28.91
N LYS B 414 53.40 -36.04 28.61
CA LYS B 414 53.11 -37.30 29.31
C LYS B 414 54.45 -37.98 29.60
N GLU B 415 54.38 -39.19 30.13
CA GLU B 415 55.60 -39.94 30.44
C GLU B 415 56.41 -40.23 29.18
N ALA B 416 55.76 -40.41 28.03
CA ALA B 416 56.44 -40.71 26.79
C ALA B 416 56.27 -39.62 25.74
N GLU B 417 55.56 -38.55 26.08
CA GLU B 417 55.34 -37.42 25.17
C GLU B 417 56.03 -36.19 25.75
N ASP B 418 57.20 -35.84 25.22
CA ASP B 418 57.80 -34.57 25.60
C ASP B 418 56.99 -33.41 25.03
N ILE B 419 56.54 -33.54 23.79
CA ILE B 419 55.71 -32.56 23.09
C ILE B 419 54.44 -33.30 22.70
N ALA B 420 53.39 -33.19 23.51
CA ALA B 420 52.17 -33.92 23.23
C ALA B 420 51.67 -33.59 21.83
N SER B 421 51.27 -34.64 21.10
CA SER B 421 50.89 -34.48 19.70
C SER B 421 49.60 -33.68 19.59
N GLY B 422 48.59 -34.05 20.38
CA GLY B 422 47.29 -33.42 20.23
C GLY B 422 47.37 -31.91 20.40
N VAL B 423 48.25 -31.45 21.29
CA VAL B 423 48.34 -30.01 21.54
C VAL B 423 48.86 -29.29 20.31
N MET B 424 49.90 -29.85 19.67
CA MET B 424 50.43 -29.26 18.46
C MET B 424 49.41 -29.30 17.32
N ASP B 425 48.69 -30.42 17.20
CA ASP B 425 47.65 -30.54 16.19
C ASP B 425 46.58 -29.47 16.39
N GLU B 426 46.22 -29.21 17.66
CA GLU B 426 45.22 -28.19 17.95
C GLU B 426 45.77 -26.79 17.73
N TYR B 427 47.08 -26.59 17.89
CA TYR B 427 47.65 -25.29 17.55
C TYR B 427 47.59 -25.05 16.04
N GLU B 428 47.97 -26.03 15.23
CA GLU B 428 47.86 -25.85 13.79
C GLU B 428 46.42 -25.62 13.37
N LEU B 429 45.48 -26.28 14.05
CA LEU B 429 44.06 -26.09 13.71
C LEU B 429 43.59 -24.69 14.10
N SER B 430 44.01 -24.20 15.26
CA SER B 430 43.70 -22.82 15.65
C SER B 430 44.36 -21.82 14.71
N LYS B 431 45.57 -22.15 14.23
CA LYS B 431 46.27 -21.30 13.28
C LYS B 431 45.52 -21.23 11.96
N LYS B 432 44.79 -22.31 11.61
CA LYS B 432 43.99 -22.27 10.39
C LYS B 432 42.81 -21.31 10.54
N HIS B 433 42.11 -21.35 11.67
CA HIS B 433 40.90 -20.57 11.87
C HIS B 433 41.16 -19.15 12.37
N GLY B 434 42.40 -18.70 12.34
CA GLY B 434 42.68 -17.31 12.70
C GLY B 434 42.48 -16.99 14.16
N LEU B 435 42.58 -17.98 15.04
CA LEU B 435 42.46 -17.73 16.46
C LEU B 435 43.69 -16.98 16.98
N VAL B 436 43.47 -16.08 17.94
CA VAL B 436 44.57 -15.47 18.65
C VAL B 436 45.16 -16.51 19.60
N CYS B 437 46.40 -16.90 19.37
CA CYS B 437 47.04 -17.96 20.13
C CYS B 437 47.75 -17.40 21.35
N LEU B 438 47.47 -17.98 22.52
CA LEU B 438 48.00 -17.52 23.79
C LEU B 438 48.68 -18.69 24.47
N PRO B 439 49.89 -19.05 24.05
CA PRO B 439 50.62 -20.10 24.75
C PRO B 439 51.17 -19.56 26.06
N ILE B 440 51.30 -20.45 27.04
CA ILE B 440 51.82 -20.10 28.35
C ILE B 440 53.20 -20.74 28.47
N GLU B 441 54.23 -19.90 28.65
CA GLU B 441 55.60 -20.39 28.62
C GLU B 441 55.92 -21.21 29.86
N TYR B 442 55.57 -20.71 31.04
CA TYR B 442 55.97 -21.33 32.29
C TYR B 442 55.18 -22.59 32.63
N THR B 443 54.55 -23.23 31.65
CA THR B 443 53.98 -24.56 31.82
C THR B 443 54.81 -25.65 31.17
N GLY B 444 55.67 -25.29 30.22
CA GLY B 444 56.52 -26.26 29.56
C GLY B 444 55.77 -27.03 28.48
N GLY B 445 56.42 -28.10 28.04
CA GLY B 445 55.81 -28.97 27.05
C GLY B 445 55.51 -28.29 25.72
N ALA B 446 54.55 -28.89 25.02
CA ALA B 446 54.13 -28.36 23.72
C ALA B 446 53.64 -26.92 23.82
N SER B 447 53.10 -26.52 24.97
CA SER B 447 52.71 -25.12 25.15
C SER B 447 53.92 -24.21 25.00
N LYS B 448 55.04 -24.57 25.63
CA LYS B 448 56.23 -23.74 25.52
C LYS B 448 56.86 -23.86 24.14
N GLU B 449 56.73 -25.03 23.49
CA GLU B 449 57.18 -25.13 22.10
C GLU B 449 56.41 -24.17 21.21
N ILE B 450 55.10 -24.05 21.43
CA ILE B 450 54.31 -23.12 20.65
C ILE B 450 54.72 -21.69 20.95
N TYR B 451 55.03 -21.38 22.21
CA TYR B 451 55.50 -20.03 22.51
C TYR B 451 56.80 -19.74 21.76
N ASP B 452 57.77 -20.65 21.86
CA ASP B 452 59.08 -20.44 21.26
C ASP B 452 59.00 -20.30 19.74
N GLN B 453 58.05 -20.99 19.10
CA GLN B 453 57.92 -20.88 17.66
C GLN B 453 57.05 -19.71 17.22
N THR B 454 55.88 -19.54 17.85
CA THR B 454 54.90 -18.57 17.38
C THR B 454 55.32 -17.14 17.68
N THR B 455 56.02 -16.89 18.80
CA THR B 455 56.36 -15.50 19.14
C THR B 455 57.14 -14.79 18.04
N GLN B 456 57.73 -15.54 17.10
CA GLN B 456 58.43 -14.93 15.98
C GLN B 456 57.52 -14.57 14.83
N GLU B 457 56.24 -14.98 14.89
CA GLU B 457 55.30 -14.83 13.79
C GLU B 457 54.18 -13.86 14.12
N ILE B 458 54.45 -12.83 14.90
CA ILE B 458 53.43 -11.90 15.35
C ILE B 458 53.74 -10.53 14.78
N SER B 459 52.70 -9.70 14.67
CA SER B 459 52.88 -8.37 14.13
C SER B 459 51.96 -7.30 14.71
N ASP B 460 50.87 -7.71 15.35
CA ASP B 460 49.87 -6.78 15.87
C ASP B 460 50.16 -6.38 17.31
N LYS B 461 49.85 -5.12 17.64
CA LYS B 461 50.09 -4.62 19.00
C LYS B 461 49.21 -5.33 20.02
N ASN B 462 47.90 -5.47 19.74
CA ASN B 462 47.00 -6.06 20.71
C ASN B 462 47.41 -7.50 21.04
N THR B 463 47.70 -8.30 20.02
CA THR B 463 48.10 -9.69 20.24
C THR B 463 49.41 -9.77 21.02
N ILE B 464 50.40 -8.95 20.65
CA ILE B 464 51.69 -8.97 21.34
C ILE B 464 51.51 -8.56 22.80
N SER B 465 50.68 -7.56 23.04
CA SER B 465 50.43 -7.10 24.40
C SER B 465 49.78 -8.21 25.24
N ALA B 466 48.85 -8.95 24.64
CA ALA B 466 48.23 -10.05 25.39
C ALA B 466 49.23 -11.16 25.66
N ILE B 467 50.07 -11.49 24.68
CA ILE B 467 51.05 -12.57 24.87
C ILE B 467 52.01 -12.20 25.99
N GLU B 468 52.52 -10.96 25.98
CA GLU B 468 53.43 -10.54 27.04
C GLU B 468 52.72 -10.51 28.39
N GLN B 469 51.50 -9.97 28.44
CA GLN B 469 50.77 -9.89 29.70
C GLN B 469 50.48 -11.27 30.29
N ALA B 470 50.44 -12.33 29.49
CA ALA B 470 50.11 -13.64 30.02
C ALA B 470 51.33 -14.43 30.51
N ASN B 471 52.46 -14.37 29.80
CA ASN B 471 53.64 -15.16 30.11
C ASN B 471 54.56 -14.50 31.14
N LYS B 472 54.09 -13.46 31.83
CA LYS B 472 54.89 -12.79 32.85
C LYS B 472 55.52 -13.73 33.85
N GLN B 473 56.51 -13.24 34.61
CA GLN B 473 57.13 -13.99 35.70
C GLN B 473 56.22 -13.72 36.89
N CYS B 474 55.21 -14.57 37.05
CA CYS B 474 54.22 -14.42 38.11
C CYS B 474 54.64 -15.09 39.38
N ASP B 475 55.93 -15.15 39.64
CA ASP B 475 56.44 -15.60 40.93
C ASP B 475 56.12 -17.06 41.20
N GLY B 476 55.46 -17.73 40.25
CA GLY B 476 54.97 -19.07 40.51
C GLY B 476 53.63 -19.03 41.21
N ASP B 477 53.42 -17.98 42.00
CA ASP B 477 52.15 -17.74 42.67
C ASP B 477 50.99 -17.71 41.69
N ILE B 478 49.90 -18.41 42.05
CA ILE B 478 48.83 -18.67 41.10
C ILE B 478 47.85 -17.51 40.93
N ASP B 479 47.59 -16.71 41.97
CA ASP B 479 46.63 -15.62 41.81
C ASP B 479 47.08 -14.63 40.73
N MET B 480 48.31 -14.15 40.84
CA MET B 480 48.85 -13.27 39.80
C MET B 480 48.98 -14.00 38.47
N SER B 481 49.25 -15.30 38.50
CA SER B 481 49.41 -16.06 37.26
C SER B 481 48.10 -16.12 36.48
N VAL B 482 46.98 -16.41 37.16
CA VAL B 482 45.70 -16.47 36.49
C VAL B 482 45.27 -15.08 36.03
N LYS B 483 45.49 -14.07 36.86
CA LYS B 483 45.15 -12.70 36.45
C LYS B 483 45.88 -12.33 35.16
N ASN B 484 47.20 -12.40 35.16
CA ASN B 484 47.98 -12.13 33.94
C ASN B 484 47.23 -12.60 32.70
N ILE B 485 46.77 -13.86 32.72
CA ILE B 485 46.09 -14.42 31.56
C ILE B 485 44.73 -13.76 31.34
N VAL B 486 43.99 -13.51 32.42
CA VAL B 486 42.67 -12.91 32.30
C VAL B 486 42.77 -11.53 31.65
N GLN B 487 43.73 -10.72 32.10
CA GLN B 487 43.95 -9.40 31.51
C GLN B 487 44.40 -9.54 30.05
N ALA B 488 45.21 -10.55 29.75
CA ALA B 488 45.59 -10.77 28.35
C ALA B 488 44.35 -11.05 27.50
N VAL B 489 43.38 -11.79 28.06
CA VAL B 489 42.13 -12.05 27.33
C VAL B 489 41.33 -10.77 27.15
N LYS B 490 41.17 -10.00 28.24
CA LYS B 490 40.40 -8.77 28.18
C LYS B 490 40.99 -7.78 27.17
N ILE B 491 42.32 -7.76 27.03
CA ILE B 491 42.96 -6.84 26.10
C ILE B 491 42.53 -7.11 24.67
N LEU B 492 42.40 -8.39 24.30
CA LEU B 492 42.02 -8.75 22.94
C LEU B 492 40.57 -8.44 22.62
N ASN B 493 39.75 -8.13 23.61
CA ASN B 493 38.34 -7.82 23.38
C ASN B 493 38.11 -6.35 23.07
N LYS B 494 39.15 -5.52 23.14
CA LYS B 494 39.05 -4.11 22.80
C LYS B 494 40.34 -3.63 22.12
#